data_6GW7
#
_entry.id   6GW7
#
_entity_poly.entity_id   1
_entity_poly.type   'polypeptide(L)'
_entity_poly.pdbx_seq_one_letter_code
;MLKDYHLKEMPEMEDEFLEYCAKNPSYEEAYLKFGDKLLEYELLGKIKRINHIVVLAHH
;
_entity_poly.pdbx_strand_id   A
#
# COMPACT_ATOMS: atom_id res chain seq x y z
N MET A 1 -14.70 -2.65 -23.34
CA MET A 1 -15.58 -2.22 -24.47
C MET A 1 -14.74 -1.59 -25.53
N LEU A 2 -14.50 -0.26 -25.43
CA LEU A 2 -13.82 0.51 -26.44
C LEU A 2 -12.35 0.46 -26.15
N LYS A 3 -11.52 0.89 -27.14
CA LYS A 3 -10.09 0.86 -27.05
C LYS A 3 -9.67 2.18 -26.45
N ASP A 4 -9.08 2.10 -25.23
CA ASP A 4 -8.62 3.26 -24.49
C ASP A 4 -7.14 3.36 -24.69
N TYR A 5 -6.61 4.60 -24.63
CA TYR A 5 -5.25 4.92 -24.98
C TYR A 5 -4.50 5.12 -23.70
N HIS A 6 -3.69 6.18 -23.64
CA HIS A 6 -2.88 6.55 -22.50
C HIS A 6 -3.71 7.28 -21.48
N LEU A 7 -4.94 7.73 -21.88
CA LEU A 7 -5.81 8.51 -21.05
C LEU A 7 -6.39 7.64 -19.97
N LYS A 8 -6.22 8.09 -18.72
CA LYS A 8 -6.63 7.37 -17.55
C LYS A 8 -6.83 8.43 -16.50
N GLU A 9 -7.77 8.19 -15.57
CA GLU A 9 -8.06 9.08 -14.47
C GLU A 9 -7.37 8.50 -13.27
N MET A 10 -6.83 9.38 -12.40
CA MET A 10 -6.15 8.97 -11.19
C MET A 10 -6.81 9.68 -10.04
N PRO A 11 -7.89 9.16 -9.47
CA PRO A 11 -8.51 9.73 -8.29
C PRO A 11 -7.70 9.36 -7.06
N GLU A 12 -7.76 8.09 -6.61
CA GLU A 12 -7.01 7.61 -5.49
C GLU A 12 -7.11 6.13 -5.63
N MET A 13 -5.96 5.46 -5.84
CA MET A 13 -5.87 4.03 -5.98
C MET A 13 -5.32 3.52 -4.68
N GLU A 14 -5.86 2.40 -4.18
CA GLU A 14 -5.66 2.04 -2.80
C GLU A 14 -5.91 0.59 -2.57
N ASP A 15 -6.72 -0.05 -3.45
CA ASP A 15 -6.93 -1.48 -3.44
C ASP A 15 -5.78 -2.14 -4.15
N GLU A 16 -5.10 -1.37 -5.05
CA GLU A 16 -3.85 -1.72 -5.67
C GLU A 16 -2.81 -1.96 -4.60
N PHE A 17 -2.70 -1.04 -3.63
CA PHE A 17 -1.85 -1.15 -2.46
C PHE A 17 -2.26 -2.34 -1.61
N LEU A 18 -3.57 -2.56 -1.41
CA LEU A 18 -4.11 -3.49 -0.45
C LEU A 18 -3.91 -4.93 -0.87
N GLU A 19 -3.67 -5.19 -2.18
CA GLU A 19 -3.49 -6.53 -2.71
C GLU A 19 -2.03 -6.78 -2.94
N TYR A 20 -1.22 -5.70 -2.96
CA TYR A 20 0.21 -5.73 -3.15
C TYR A 20 0.86 -6.02 -1.84
N CYS A 21 0.12 -5.75 -0.75
CA CYS A 21 0.60 -5.93 0.60
C CYS A 21 0.71 -7.39 0.96
N ALA A 22 0.14 -8.28 0.11
CA ALA A 22 0.23 -9.72 0.20
C ALA A 22 1.63 -10.21 -0.11
N LYS A 23 2.47 -9.33 -0.68
CA LYS A 23 3.90 -9.48 -0.75
C LYS A 23 4.40 -8.85 0.52
N ASN A 24 4.35 -9.66 1.59
CA ASN A 24 4.80 -9.34 2.92
C ASN A 24 6.29 -9.09 2.98
N PRO A 25 7.23 -9.89 2.44
CA PRO A 25 8.65 -9.56 2.45
C PRO A 25 8.92 -8.32 1.67
N SER A 26 9.83 -7.46 2.19
CA SER A 26 10.18 -6.18 1.61
C SER A 26 8.96 -5.31 1.56
N TYR A 27 8.46 -4.98 2.78
CA TYR A 27 7.30 -4.14 3.02
C TYR A 27 7.64 -2.70 2.75
N GLU A 28 8.96 -2.43 2.86
CA GLU A 28 9.62 -1.18 2.62
C GLU A 28 9.46 -0.75 1.19
N GLU A 29 9.39 -1.71 0.24
CA GLU A 29 9.19 -1.42 -1.17
C GLU A 29 7.75 -1.05 -1.43
N ALA A 30 6.80 -1.64 -0.68
CA ALA A 30 5.39 -1.35 -0.81
C ALA A 30 5.05 -0.04 -0.15
N TYR A 31 5.90 0.47 0.76
CA TYR A 31 5.76 1.78 1.36
C TYR A 31 6.25 2.79 0.36
N LEU A 32 7.53 2.70 -0.03
CA LEU A 32 8.26 3.75 -0.70
C LEU A 32 7.81 3.97 -2.13
N LYS A 33 7.27 2.92 -2.78
CA LYS A 33 6.72 2.97 -4.12
C LYS A 33 5.49 3.84 -4.15
N PHE A 34 4.58 3.61 -3.17
CA PHE A 34 3.33 4.31 -3.04
C PHE A 34 3.62 5.64 -2.38
N GLY A 35 3.68 5.65 -1.04
CA GLY A 35 4.14 6.78 -0.29
C GLY A 35 3.58 6.60 1.06
N ASP A 36 2.86 7.62 1.57
CA ASP A 36 2.35 7.68 2.92
C ASP A 36 1.17 6.76 3.11
N LYS A 37 0.79 6.00 2.06
CA LYS A 37 -0.25 5.01 1.99
C LYS A 37 -0.04 3.91 3.00
N LEU A 38 1.21 3.43 3.16
CA LEU A 38 1.55 2.34 4.07
C LEU A 38 1.56 2.85 5.48
N LEU A 39 1.94 4.13 5.70
CA LEU A 39 2.01 4.72 7.01
C LEU A 39 0.66 4.85 7.64
N GLU A 40 -0.33 5.38 6.89
CA GLU A 40 -1.68 5.62 7.36
C GLU A 40 -2.46 4.35 7.55
N TYR A 41 -2.24 3.32 6.69
CA TYR A 41 -2.99 2.08 6.70
C TYR A 41 -2.49 1.21 7.83
N GLU A 42 -1.25 1.47 8.28
CA GLU A 42 -0.62 0.76 9.38
C GLU A 42 -1.14 1.29 10.69
N LEU A 43 -1.31 2.63 10.77
CA LEU A 43 -1.84 3.34 11.91
C LEU A 43 -3.34 3.14 12.01
N LEU A 44 -4.00 2.78 10.88
CA LEU A 44 -5.42 2.58 10.77
C LEU A 44 -5.74 1.20 11.29
N GLY A 45 -5.53 0.14 10.47
CA GLY A 45 -5.77 -1.21 10.91
C GLY A 45 -6.17 -2.06 9.75
N LYS A 46 -5.69 -1.70 8.53
CA LYS A 46 -5.91 -2.47 7.33
C LYS A 46 -4.74 -3.40 7.16
N ILE A 47 -3.56 -2.94 7.62
CA ILE A 47 -2.33 -3.68 7.71
C ILE A 47 -1.81 -3.33 9.08
N LYS A 48 -0.74 -4.03 9.52
CA LYS A 48 -0.01 -3.68 10.70
C LYS A 48 1.41 -4.05 10.41
N ARG A 49 2.35 -3.59 11.26
CA ARG A 49 3.72 -3.99 11.18
C ARG A 49 4.15 -4.03 12.62
N ILE A 50 4.85 -5.11 13.04
CA ILE A 50 5.26 -5.26 14.41
C ILE A 50 6.46 -6.17 14.44
N ASN A 51 6.51 -7.16 13.51
CA ASN A 51 7.50 -8.21 13.49
C ASN A 51 8.78 -7.63 12.91
N HIS A 52 8.92 -7.72 11.57
CA HIS A 52 10.06 -7.20 10.85
C HIS A 52 9.51 -6.62 9.59
N ILE A 53 8.41 -7.24 9.09
CA ILE A 53 7.77 -6.92 7.85
C ILE A 53 6.33 -6.75 8.17
N VAL A 54 5.52 -6.38 7.14
CA VAL A 54 4.12 -6.08 7.26
C VAL A 54 3.35 -7.36 7.38
N VAL A 55 2.21 -7.33 8.11
CA VAL A 55 1.26 -8.39 8.19
C VAL A 55 -0.02 -7.78 7.70
N LEU A 56 -0.94 -8.61 7.16
CA LEU A 56 -2.24 -8.15 6.75
C LEU A 56 -3.12 -8.21 7.97
N ALA A 57 -4.09 -7.28 8.04
CA ALA A 57 -4.97 -7.15 9.17
C ALA A 57 -6.34 -6.96 8.61
N HIS A 58 -6.95 -8.08 8.16
CA HIS A 58 -8.30 -8.09 7.65
C HIS A 58 -9.22 -8.20 8.83
N HIS A 59 -9.91 -7.09 9.15
CA HIS A 59 -10.78 -6.99 10.28
C HIS A 59 -12.20 -6.84 9.72
N MET A 1 -2.06 26.40 -3.28
CA MET A 1 -3.41 25.92 -3.68
C MET A 1 -3.65 24.62 -2.97
N LEU A 2 -3.48 23.48 -3.68
CA LEU A 2 -3.62 22.15 -3.14
C LEU A 2 -2.26 21.69 -2.74
N LYS A 3 -2.20 20.59 -1.96
CA LYS A 3 -0.96 19.98 -1.55
C LYS A 3 -0.65 18.94 -2.59
N ASP A 4 0.30 19.28 -3.48
CA ASP A 4 0.83 18.39 -4.47
C ASP A 4 2.30 18.68 -4.47
N TYR A 5 3.07 17.86 -5.20
CA TYR A 5 4.49 18.04 -5.35
C TYR A 5 4.71 18.18 -6.83
N HIS A 6 5.71 17.45 -7.36
CA HIS A 6 6.08 17.43 -8.75
C HIS A 6 5.31 16.37 -9.50
N LEU A 7 4.31 15.73 -8.85
CA LEU A 7 3.58 14.63 -9.42
C LEU A 7 2.69 15.16 -10.52
N LYS A 8 2.76 14.48 -11.69
CA LYS A 8 2.10 14.88 -12.90
C LYS A 8 0.82 14.10 -12.99
N GLU A 9 0.89 12.76 -12.74
CA GLU A 9 -0.25 11.89 -12.81
C GLU A 9 -0.79 11.79 -11.42
N MET A 10 -2.11 11.58 -11.30
CA MET A 10 -2.77 11.36 -10.05
C MET A 10 -3.56 10.09 -10.20
N PRO A 11 -3.00 8.92 -9.89
CA PRO A 11 -3.68 7.65 -10.08
C PRO A 11 -4.74 7.45 -9.02
N GLU A 12 -4.44 7.80 -7.75
CA GLU A 12 -5.32 7.77 -6.60
C GLU A 12 -5.92 6.40 -6.35
N MET A 13 -5.06 5.35 -6.38
CA MET A 13 -5.47 3.99 -6.14
C MET A 13 -5.10 3.65 -4.73
N GLU A 14 -5.73 2.58 -4.17
CA GLU A 14 -5.59 2.27 -2.78
C GLU A 14 -5.88 0.82 -2.55
N ASP A 15 -6.65 0.20 -3.47
CA ASP A 15 -6.97 -1.21 -3.41
C ASP A 15 -5.87 -1.99 -4.09
N GLU A 16 -5.11 -1.28 -4.97
CA GLU A 16 -3.87 -1.72 -5.56
C GLU A 16 -2.89 -2.01 -4.45
N PHE A 17 -2.79 -1.10 -3.46
CA PHE A 17 -1.99 -1.23 -2.26
C PHE A 17 -2.40 -2.45 -1.46
N LEU A 18 -3.72 -2.70 -1.33
CA LEU A 18 -4.27 -3.76 -0.52
C LEU A 18 -4.00 -5.14 -1.06
N GLU A 19 -3.75 -5.27 -2.38
CA GLU A 19 -3.50 -6.57 -3.01
C GLU A 19 -2.02 -6.80 -3.12
N TYR A 20 -1.24 -5.69 -3.08
CA TYR A 20 0.20 -5.69 -3.24
C TYR A 20 0.84 -6.07 -1.96
N CYS A 21 0.15 -5.77 -0.84
CA CYS A 21 0.68 -5.96 0.49
C CYS A 21 0.70 -7.42 0.88
N ALA A 22 0.14 -8.31 0.02
CA ALA A 22 0.20 -9.74 0.10
C ALA A 22 1.60 -10.25 -0.18
N LYS A 23 2.46 -9.36 -0.74
CA LYS A 23 3.89 -9.51 -0.82
C LYS A 23 4.40 -8.87 0.45
N ASN A 24 4.37 -9.68 1.52
CA ASN A 24 4.85 -9.35 2.84
C ASN A 24 6.34 -9.12 2.88
N PRO A 25 7.26 -9.94 2.33
CA PRO A 25 8.68 -9.62 2.28
C PRO A 25 8.93 -8.39 1.47
N SER A 26 9.87 -7.54 1.93
CA SER A 26 10.21 -6.29 1.29
C SER A 26 8.99 -5.39 1.31
N TYR A 27 8.57 -5.04 2.54
CA TYR A 27 7.44 -4.19 2.83
C TYR A 27 7.76 -2.76 2.53
N GLU A 28 9.08 -2.49 2.54
CA GLU A 28 9.76 -1.26 2.26
C GLU A 28 9.49 -0.85 0.84
N GLU A 29 9.37 -1.81 -0.10
CA GLU A 29 9.06 -1.52 -1.48
C GLU A 29 7.61 -1.16 -1.64
N ALA A 30 6.70 -1.76 -0.83
CA ALA A 30 5.29 -1.48 -0.88
C ALA A 30 4.95 -0.21 -0.13
N TYR A 31 5.89 0.33 0.68
CA TYR A 31 5.75 1.58 1.37
C TYR A 31 6.22 2.65 0.43
N LEU A 32 7.50 2.59 0.03
CA LEU A 32 8.23 3.67 -0.61
C LEU A 32 7.78 3.95 -2.02
N LYS A 33 7.23 2.92 -2.71
CA LYS A 33 6.65 3.04 -4.04
C LYS A 33 5.45 3.94 -4.00
N PHE A 34 4.55 3.70 -3.02
CA PHE A 34 3.33 4.43 -2.81
C PHE A 34 3.69 5.71 -2.12
N GLY A 35 3.78 5.66 -0.78
CA GLY A 35 4.27 6.75 0.03
C GLY A 35 3.65 6.57 1.35
N ASP A 36 2.90 7.58 1.83
CA ASP A 36 2.31 7.63 3.14
C ASP A 36 1.13 6.69 3.30
N LYS A 37 0.82 5.90 2.24
CA LYS A 37 -0.23 4.92 2.18
C LYS A 37 -0.02 3.80 3.17
N LEU A 38 1.25 3.33 3.33
CA LEU A 38 1.58 2.25 4.24
C LEU A 38 1.61 2.75 5.66
N LEU A 39 1.85 4.06 5.88
CA LEU A 39 1.90 4.65 7.19
C LEU A 39 0.52 4.74 7.79
N GLU A 40 -0.46 5.27 7.02
CA GLU A 40 -1.81 5.52 7.47
C GLU A 40 -2.60 4.23 7.63
N TYR A 41 -2.33 3.22 6.78
CA TYR A 41 -3.06 1.98 6.76
C TYR A 41 -2.58 1.08 7.87
N GLU A 42 -1.34 1.34 8.36
CA GLU A 42 -0.77 0.68 9.50
C GLU A 42 -1.45 1.17 10.75
N LEU A 43 -1.67 2.50 10.82
CA LEU A 43 -2.34 3.18 11.90
C LEU A 43 -3.83 2.89 11.88
N LEU A 44 -4.37 2.44 10.73
CA LEU A 44 -5.76 2.12 10.53
C LEU A 44 -6.03 0.78 11.20
N GLY A 45 -5.56 -0.32 10.57
CA GLY A 45 -5.75 -1.66 11.06
C GLY A 45 -6.10 -2.54 9.90
N LYS A 46 -5.70 -2.14 8.68
CA LYS A 46 -5.91 -2.88 7.46
C LYS A 46 -4.75 -3.82 7.31
N ILE A 47 -3.54 -3.25 7.38
CA ILE A 47 -2.29 -3.95 7.50
C ILE A 47 -1.86 -3.76 8.93
N LYS A 48 -0.71 -4.38 9.31
CA LYS A 48 -0.01 -4.00 10.50
C LYS A 48 1.44 -4.23 10.20
N ARG A 49 2.33 -3.68 11.05
CA ARG A 49 3.75 -3.95 10.97
C ARG A 49 4.19 -3.89 12.40
N ILE A 50 5.04 -4.87 12.83
CA ILE A 50 5.50 -4.94 14.18
C ILE A 50 6.86 -5.59 14.16
N ASN A 51 7.06 -6.57 13.26
CA ASN A 51 8.20 -7.45 13.25
C ASN A 51 9.32 -6.76 12.52
N HIS A 52 9.55 -7.16 11.26
CA HIS A 52 10.54 -6.58 10.38
C HIS A 52 9.79 -6.11 9.18
N ILE A 53 8.71 -6.84 8.81
CA ILE A 53 7.99 -6.66 7.58
C ILE A 53 6.54 -6.51 7.94
N VAL A 54 5.71 -6.17 6.92
CA VAL A 54 4.30 -5.95 7.03
C VAL A 54 3.62 -7.30 7.09
N VAL A 55 2.45 -7.36 7.77
CA VAL A 55 1.59 -8.50 7.76
C VAL A 55 0.26 -7.94 7.34
N LEU A 56 -0.63 -8.80 6.79
CA LEU A 56 -2.00 -8.43 6.56
C LEU A 56 -2.72 -8.73 7.85
N ALA A 57 -3.83 -8.01 8.13
CA ALA A 57 -4.61 -8.23 9.33
C ALA A 57 -5.42 -9.48 9.13
N HIS A 58 -6.27 -9.47 8.08
CA HIS A 58 -6.89 -10.65 7.55
C HIS A 58 -6.60 -10.53 6.09
N HIS A 59 -7.24 -9.54 5.42
CA HIS A 59 -6.84 -9.08 4.13
C HIS A 59 -6.93 -7.55 4.21
N MET A 1 -6.21 4.18 -23.11
CA MET A 1 -6.32 2.87 -22.42
C MET A 1 -7.45 2.91 -21.43
N LEU A 2 -7.30 3.74 -20.36
CA LEU A 2 -8.31 3.94 -19.34
C LEU A 2 -9.26 5.01 -19.83
N LYS A 3 -10.26 5.36 -19.00
CA LYS A 3 -11.24 6.36 -19.32
C LYS A 3 -10.71 7.68 -18.83
N ASP A 4 -9.94 8.35 -19.71
CA ASP A 4 -9.42 9.67 -19.49
C ASP A 4 -9.47 10.27 -20.86
N TYR A 5 -9.73 11.60 -20.93
CA TYR A 5 -9.76 12.32 -22.18
C TYR A 5 -8.67 13.36 -22.04
N HIS A 6 -9.04 14.63 -22.28
CA HIS A 6 -8.25 15.80 -22.04
C HIS A 6 -8.32 16.14 -20.57
N LEU A 7 -9.31 15.57 -19.85
CA LEU A 7 -9.55 15.78 -18.44
C LEU A 7 -8.50 15.04 -17.65
N LYS A 8 -8.07 15.64 -16.52
CA LYS A 8 -7.06 15.07 -15.67
C LYS A 8 -7.55 15.23 -14.27
N GLU A 9 -7.53 14.12 -13.51
CA GLU A 9 -7.93 14.06 -12.13
C GLU A 9 -6.88 13.27 -11.43
N MET A 10 -7.01 13.10 -10.10
CA MET A 10 -6.17 12.24 -9.32
C MET A 10 -7.04 11.01 -9.05
N PRO A 11 -6.71 9.80 -9.51
CA PRO A 11 -7.61 8.66 -9.38
C PRO A 11 -7.74 8.15 -7.96
N GLU A 12 -6.68 8.29 -7.12
CA GLU A 12 -6.64 7.87 -5.74
C GLU A 12 -6.85 6.38 -5.60
N MET A 13 -5.85 5.58 -5.99
CA MET A 13 -5.90 4.14 -5.93
C MET A 13 -5.36 3.71 -4.60
N GLU A 14 -5.89 2.58 -4.06
CA GLU A 14 -5.69 2.27 -2.67
C GLU A 14 -5.96 0.81 -2.43
N ASP A 15 -6.74 0.17 -3.32
CA ASP A 15 -7.03 -1.24 -3.26
C ASP A 15 -5.95 -1.98 -4.01
N GLU A 16 -5.24 -1.24 -4.89
CA GLU A 16 -4.01 -1.65 -5.54
C GLU A 16 -2.99 -1.95 -4.48
N PHE A 17 -2.88 -1.07 -3.46
CA PHE A 17 -2.01 -1.21 -2.31
C PHE A 17 -2.37 -2.46 -1.53
N LEU A 18 -3.68 -2.75 -1.36
CA LEU A 18 -4.18 -3.84 -0.58
C LEU A 18 -3.93 -5.19 -1.20
N GLU A 19 -3.71 -5.27 -2.53
CA GLU A 19 -3.49 -6.52 -3.23
C GLU A 19 -2.01 -6.75 -3.36
N TYR A 20 -1.22 -5.66 -3.24
CA TYR A 20 0.22 -5.65 -3.36
C TYR A 20 0.80 -6.03 -2.06
N CYS A 21 0.01 -5.84 -0.98
CA CYS A 21 0.44 -6.07 0.38
C CYS A 21 0.54 -7.54 0.68
N ALA A 22 0.05 -8.40 -0.25
CA ALA A 22 0.16 -9.83 -0.24
C ALA A 22 1.59 -10.28 -0.40
N LYS A 23 2.46 -9.37 -0.90
CA LYS A 23 3.89 -9.52 -0.96
C LYS A 23 4.39 -8.88 0.30
N ASN A 24 4.38 -9.70 1.38
CA ASN A 24 4.85 -9.35 2.70
C ASN A 24 6.34 -9.10 2.78
N PRO A 25 7.27 -9.86 2.18
CA PRO A 25 8.69 -9.54 2.15
C PRO A 25 8.91 -8.23 1.46
N SER A 26 9.85 -7.40 1.99
CA SER A 26 10.18 -6.11 1.45
C SER A 26 8.97 -5.23 1.45
N TYR A 27 8.47 -4.94 2.68
CA TYR A 27 7.31 -4.13 2.95
C TYR A 27 7.62 -2.68 2.67
N GLU A 28 8.93 -2.37 2.76
CA GLU A 28 9.56 -1.12 2.53
C GLU A 28 9.38 -0.69 1.09
N GLU A 29 9.28 -1.64 0.14
CA GLU A 29 9.05 -1.35 -1.26
C GLU A 29 7.61 -0.96 -1.48
N ALA A 30 6.66 -1.52 -0.70
CA ALA A 30 5.25 -1.21 -0.79
C ALA A 30 4.96 0.13 -0.16
N TYR A 31 5.83 0.60 0.77
CA TYR A 31 5.74 1.92 1.35
C TYR A 31 6.23 2.92 0.33
N LEU A 32 7.48 2.77 -0.12
CA LEU A 32 8.21 3.77 -0.85
C LEU A 32 7.71 3.99 -2.26
N LYS A 33 7.10 2.95 -2.87
CA LYS A 33 6.52 2.99 -4.19
C LYS A 33 5.29 3.87 -4.18
N PHE A 34 4.41 3.67 -3.16
CA PHE A 34 3.16 4.36 -3.00
C PHE A 34 3.49 5.68 -2.33
N GLY A 35 3.53 5.68 -0.99
CA GLY A 35 3.99 6.80 -0.21
C GLY A 35 3.45 6.55 1.15
N ASP A 36 2.77 7.56 1.72
CA ASP A 36 2.25 7.57 3.07
C ASP A 36 1.07 6.63 3.25
N LYS A 37 0.67 5.91 2.18
CA LYS A 37 -0.35 4.91 2.12
C LYS A 37 -0.11 3.79 3.10
N LEU A 38 1.16 3.32 3.21
CA LEU A 38 1.55 2.24 4.11
C LEU A 38 1.56 2.71 5.53
N LEU A 39 1.91 4.00 5.78
CA LEU A 39 2.01 4.56 7.10
C LEU A 39 0.65 4.63 7.76
N GLU A 40 -0.36 5.16 7.04
CA GLU A 40 -1.70 5.36 7.56
C GLU A 40 -2.46 4.07 7.72
N TYR A 41 -2.20 3.06 6.84
CA TYR A 41 -2.92 1.80 6.82
C TYR A 41 -2.39 0.92 7.91
N GLU A 42 -1.17 1.21 8.40
CA GLU A 42 -0.53 0.48 9.47
C GLU A 42 -1.10 0.97 10.78
N LEU A 43 -1.26 2.31 10.90
CA LEU A 43 -1.84 2.98 12.05
C LEU A 43 -3.33 2.74 12.13
N LEU A 44 -3.96 2.36 11.00
CA LEU A 44 -5.38 2.10 10.88
C LEU A 44 -5.64 0.71 11.41
N GLY A 45 -5.31 -0.34 10.64
CA GLY A 45 -5.44 -1.70 11.10
C GLY A 45 -5.84 -2.59 9.97
N LYS A 46 -5.48 -2.20 8.72
CA LYS A 46 -5.71 -3.01 7.54
C LYS A 46 -4.54 -3.94 7.41
N ILE A 47 -3.33 -3.37 7.56
CA ILE A 47 -2.07 -4.06 7.62
C ILE A 47 -1.55 -3.78 9.00
N LYS A 48 -0.50 -4.52 9.40
CA LYS A 48 0.20 -4.28 10.65
C LYS A 48 1.65 -4.53 10.39
N ARG A 49 2.52 -3.99 11.25
CA ARG A 49 3.94 -4.25 11.18
C ARG A 49 4.40 -4.19 12.60
N ILE A 50 5.24 -5.17 13.01
CA ILE A 50 5.71 -5.24 14.37
C ILE A 50 7.01 -5.99 14.36
N ASN A 51 7.13 -7.04 13.51
CA ASN A 51 8.24 -7.96 13.48
C ASN A 51 9.39 -7.31 12.76
N HIS A 52 9.45 -7.46 11.43
CA HIS A 52 10.51 -6.94 10.61
C HIS A 52 9.88 -6.44 9.36
N ILE A 53 8.82 -7.14 8.91
CA ILE A 53 8.13 -6.87 7.68
C ILE A 53 6.68 -6.73 8.05
N VAL A 54 5.84 -6.41 7.05
CA VAL A 54 4.42 -6.24 7.20
C VAL A 54 3.80 -7.61 7.27
N VAL A 55 2.74 -7.74 8.07
CA VAL A 55 1.88 -8.90 8.07
C VAL A 55 0.53 -8.29 7.77
N LEU A 56 -0.35 -9.00 7.05
CA LEU A 56 -1.67 -8.51 6.80
C LEU A 56 -2.50 -8.80 8.02
N ALA A 57 -3.72 -8.22 8.09
CA ALA A 57 -4.67 -8.53 9.13
C ALA A 57 -5.21 -9.90 8.88
N HIS A 58 -4.82 -10.87 9.74
CA HIS A 58 -5.18 -12.26 9.63
C HIS A 58 -6.19 -12.52 10.70
N HIS A 59 -7.23 -11.65 10.75
CA HIS A 59 -8.26 -11.68 11.74
C HIS A 59 -9.48 -11.00 11.12
N MET A 1 -11.06 19.75 -24.95
CA MET A 1 -9.64 19.92 -25.33
C MET A 1 -8.86 18.74 -24.82
N LEU A 2 -8.38 18.82 -23.56
CA LEU A 2 -7.56 17.80 -22.94
C LEU A 2 -8.47 16.81 -22.28
N LYS A 3 -7.96 15.56 -22.14
CA LYS A 3 -8.63 14.49 -21.47
C LYS A 3 -7.53 13.72 -20.78
N ASP A 4 -7.90 12.61 -20.10
CA ASP A 4 -6.96 11.69 -19.48
C ASP A 4 -7.19 10.38 -20.17
N TYR A 5 -6.08 9.66 -20.46
CA TYR A 5 -6.12 8.36 -21.08
C TYR A 5 -5.20 7.52 -20.23
N HIS A 6 -4.36 6.70 -20.90
CA HIS A 6 -3.36 5.86 -20.29
C HIS A 6 -2.04 6.58 -20.21
N LEU A 7 -2.02 7.89 -20.60
CA LEU A 7 -0.81 8.67 -20.70
C LEU A 7 -0.32 9.01 -19.32
N LYS A 8 -1.20 9.64 -18.51
CA LYS A 8 -0.98 9.90 -17.11
C LYS A 8 -1.42 8.65 -16.39
N GLU A 9 -0.89 8.41 -15.17
CA GLU A 9 -1.24 7.28 -14.35
C GLU A 9 -2.46 7.66 -13.57
N MET A 10 -2.86 6.80 -12.60
CA MET A 10 -3.98 7.07 -11.74
C MET A 10 -3.38 7.20 -10.37
N PRO A 11 -3.11 8.40 -9.84
CA PRO A 11 -2.53 8.58 -8.52
C PRO A 11 -3.58 8.45 -7.45
N GLU A 12 -4.85 8.14 -7.82
CA GLU A 12 -5.97 8.09 -6.92
C GLU A 12 -6.35 6.65 -6.69
N MET A 13 -5.37 5.72 -6.75
CA MET A 13 -5.58 4.31 -6.49
C MET A 13 -5.15 4.02 -5.08
N GLU A 14 -5.66 2.90 -4.52
CA GLU A 14 -5.42 2.54 -3.14
C GLU A 14 -5.74 1.09 -2.97
N ASP A 15 -6.50 0.52 -3.93
CA ASP A 15 -6.88 -0.88 -3.92
C ASP A 15 -5.77 -1.71 -4.52
N GLU A 16 -4.87 -1.03 -5.29
CA GLU A 16 -3.63 -1.56 -5.80
C GLU A 16 -2.71 -1.85 -4.64
N PHE A 17 -2.78 -1.00 -3.57
CA PHE A 17 -2.02 -1.14 -2.35
C PHE A 17 -2.52 -2.34 -1.57
N LEU A 18 -3.85 -2.57 -1.57
CA LEU A 18 -4.49 -3.64 -0.83
C LEU A 18 -4.14 -5.00 -1.39
N GLU A 19 -3.92 -5.10 -2.72
CA GLU A 19 -3.56 -6.34 -3.37
C GLU A 19 -2.07 -6.46 -3.51
N TYR A 20 -1.31 -5.39 -3.15
CA TYR A 20 0.12 -5.38 -3.13
C TYR A 20 0.58 -6.14 -1.95
N CYS A 21 -0.11 -5.86 -0.82
CA CYS A 21 0.40 -6.07 0.50
C CYS A 21 0.52 -7.54 0.85
N ALA A 22 -0.11 -8.40 0.02
CA ALA A 22 -0.07 -9.84 0.05
C ALA A 22 1.33 -10.37 -0.23
N LYS A 23 2.21 -9.49 -0.78
CA LYS A 23 3.63 -9.63 -0.82
C LYS A 23 4.10 -8.99 0.45
N ASN A 24 4.05 -9.79 1.53
CA ASN A 24 4.48 -9.43 2.86
C ASN A 24 5.98 -9.21 2.94
N PRO A 25 6.90 -10.03 2.40
CA PRO A 25 8.33 -9.74 2.35
C PRO A 25 8.62 -8.48 1.60
N SER A 26 9.62 -7.69 2.06
CA SER A 26 10.03 -6.45 1.46
C SER A 26 8.87 -5.49 1.47
N TYR A 27 8.43 -5.13 2.69
CA TYR A 27 7.32 -4.27 2.98
C TYR A 27 7.68 -2.83 2.66
N GLU A 28 9.01 -2.60 2.70
CA GLU A 28 9.73 -1.38 2.45
C GLU A 28 9.51 -0.95 1.03
N GLU A 29 9.41 -1.90 0.07
CA GLU A 29 9.14 -1.59 -1.32
C GLU A 29 7.69 -1.22 -1.51
N ALA A 30 6.76 -1.78 -0.68
CA ALA A 30 5.35 -1.48 -0.74
C ALA A 30 5.04 -0.16 -0.07
N TYR A 31 5.96 0.36 0.77
CA TYR A 31 5.84 1.66 1.41
C TYR A 31 6.36 2.68 0.44
N LEU A 32 7.64 2.56 0.06
CA LEU A 32 8.41 3.59 -0.61
C LEU A 32 7.97 3.85 -2.02
N LYS A 33 7.37 2.83 -2.69
CA LYS A 33 6.81 2.94 -4.02
C LYS A 33 5.63 3.88 -3.99
N PHE A 34 4.67 3.61 -3.07
CA PHE A 34 3.42 4.32 -2.90
C PHE A 34 3.73 5.62 -2.20
N GLY A 35 3.79 5.58 -0.86
CA GLY A 35 4.23 6.68 -0.06
C GLY A 35 3.66 6.42 1.28
N ASP A 36 2.99 7.44 1.87
CA ASP A 36 2.47 7.42 3.22
C ASP A 36 1.24 6.54 3.35
N LYS A 37 0.87 5.84 2.26
CA LYS A 37 -0.20 4.87 2.15
C LYS A 37 -0.01 3.72 3.11
N LEU A 38 1.24 3.23 3.27
CA LEU A 38 1.56 2.11 4.13
C LEU A 38 1.55 2.55 5.57
N LEU A 39 1.91 3.83 5.84
CA LEU A 39 1.96 4.36 7.18
C LEU A 39 0.59 4.49 7.79
N GLU A 40 -0.37 5.04 7.01
CA GLU A 40 -1.72 5.30 7.48
C GLU A 40 -2.54 4.05 7.60
N TYR A 41 -2.31 3.04 6.71
CA TYR A 41 -3.04 1.79 6.68
C TYR A 41 -2.57 0.90 7.80
N GLU A 42 -1.35 1.17 8.32
CA GLU A 42 -0.75 0.46 9.43
C GLU A 42 -1.36 0.95 10.71
N LEU A 43 -1.56 2.29 10.81
CA LEU A 43 -2.18 2.95 11.94
C LEU A 43 -3.67 2.72 11.95
N LEU A 44 -4.25 2.35 10.79
CA LEU A 44 -5.65 2.12 10.59
C LEU A 44 -6.01 0.75 11.14
N GLY A 45 -5.68 -0.33 10.40
CA GLY A 45 -5.95 -1.66 10.90
C GLY A 45 -6.15 -2.63 9.77
N LYS A 46 -5.85 -2.19 8.52
CA LYS A 46 -5.94 -3.03 7.35
C LYS A 46 -4.77 -3.96 7.31
N ILE A 47 -3.57 -3.37 7.47
CA ILE A 47 -2.31 -4.05 7.60
C ILE A 47 -1.83 -3.72 8.99
N LYS A 48 -0.78 -4.43 9.45
CA LYS A 48 -0.05 -4.08 10.63
C LYS A 48 1.39 -4.32 10.31
N ARG A 49 2.30 -4.02 11.27
CA ARG A 49 3.72 -4.25 11.14
C ARG A 49 4.19 -4.23 12.56
N ILE A 50 5.10 -5.16 12.94
CA ILE A 50 5.60 -5.21 14.29
C ILE A 50 7.03 -5.68 14.25
N ASN A 51 7.34 -6.70 13.42
CA ASN A 51 8.64 -7.30 13.34
C ASN A 51 9.47 -6.47 12.39
N HIS A 52 9.61 -6.92 11.13
CA HIS A 52 10.29 -6.17 10.09
C HIS A 52 9.23 -5.83 9.09
N ILE A 53 8.41 -6.81 8.68
CA ILE A 53 7.60 -6.74 7.50
C ILE A 53 6.19 -6.57 7.92
N VAL A 54 5.30 -6.21 6.96
CA VAL A 54 3.90 -6.08 7.23
C VAL A 54 3.32 -7.46 7.38
N VAL A 55 2.19 -7.55 8.10
CA VAL A 55 1.33 -8.69 8.09
C VAL A 55 0.04 -8.14 7.55
N LEU A 56 -0.82 -9.02 6.99
CA LEU A 56 -2.18 -8.67 6.68
C LEU A 56 -2.94 -8.95 7.93
N ALA A 57 -4.07 -8.23 8.14
CA ALA A 57 -4.96 -8.46 9.26
C ALA A 57 -5.62 -9.80 9.14
N HIS A 58 -6.07 -10.14 7.90
CA HIS A 58 -6.74 -11.37 7.55
C HIS A 58 -8.10 -11.37 8.19
N HIS A 59 -8.27 -12.11 9.30
CA HIS A 59 -9.47 -12.08 10.10
C HIS A 59 -9.00 -12.14 11.56
N MET A 1 4.96 15.42 -20.14
CA MET A 1 5.45 15.78 -21.51
C MET A 1 5.67 14.51 -22.29
N LEU A 2 6.64 13.67 -21.86
CA LEU A 2 6.97 12.41 -22.49
C LEU A 2 6.05 11.36 -21.92
N LYS A 3 6.05 10.17 -22.57
CA LYS A 3 5.20 9.06 -22.23
C LYS A 3 5.90 8.25 -21.17
N ASP A 4 5.29 8.15 -19.98
CA ASP A 4 5.79 7.39 -18.87
C ASP A 4 4.84 6.25 -18.67
N TYR A 5 5.35 5.14 -18.06
CA TYR A 5 4.64 3.90 -17.91
C TYR A 5 4.17 3.86 -16.48
N HIS A 6 4.49 2.75 -15.78
CA HIS A 6 4.18 2.51 -14.38
C HIS A 6 5.17 3.22 -13.49
N LEU A 7 6.20 3.79 -14.16
CA LEU A 7 7.24 4.67 -13.66
C LEU A 7 6.68 5.73 -12.74
N LYS A 8 5.64 6.45 -13.23
CA LYS A 8 4.86 7.35 -12.43
C LYS A 8 3.90 6.49 -11.65
N GLU A 9 3.92 6.65 -10.30
CA GLU A 9 3.12 5.86 -9.39
C GLU A 9 1.77 6.49 -9.28
N MET A 10 0.79 5.73 -8.72
CA MET A 10 -0.56 6.22 -8.54
C MET A 10 -0.95 6.06 -7.10
N PRO A 11 -0.73 7.09 -6.27
CA PRO A 11 -1.28 7.20 -4.93
C PRO A 11 -2.78 7.41 -4.91
N GLU A 12 -3.41 7.61 -6.09
CA GLU A 12 -4.82 7.91 -6.24
C GLU A 12 -5.65 6.66 -6.23
N MET A 13 -4.99 5.52 -6.03
CA MET A 13 -5.59 4.21 -5.90
C MET A 13 -5.30 3.76 -4.49
N GLU A 14 -5.92 2.62 -4.10
CA GLU A 14 -5.84 2.10 -2.76
C GLU A 14 -6.00 0.62 -2.85
N ASP A 15 -6.64 0.13 -3.94
CA ASP A 15 -6.87 -1.26 -4.19
C ASP A 15 -5.59 -1.87 -4.76
N GLU A 16 -4.79 -1.02 -5.45
CA GLU A 16 -3.47 -1.34 -5.92
C GLU A 16 -2.59 -1.66 -4.75
N PHE A 17 -2.67 -0.83 -3.67
CA PHE A 17 -1.95 -1.03 -2.43
C PHE A 17 -2.41 -2.30 -1.75
N LEU A 18 -3.74 -2.57 -1.74
CA LEU A 18 -4.36 -3.66 -1.03
C LEU A 18 -4.01 -5.03 -1.57
N GLU A 19 -3.64 -5.13 -2.87
CA GLU A 19 -3.35 -6.40 -3.49
C GLU A 19 -1.87 -6.64 -3.47
N TYR A 20 -1.10 -5.56 -3.22
CA TYR A 20 0.34 -5.55 -3.13
C TYR A 20 0.74 -5.90 -1.75
N CYS A 21 -0.21 -5.75 -0.80
CA CYS A 21 0.04 -5.98 0.60
C CYS A 21 0.29 -7.45 0.86
N ALA A 22 -0.28 -8.31 -0.02
CA ALA A 22 -0.18 -9.76 0.00
C ALA A 22 1.23 -10.23 -0.28
N LYS A 23 2.08 -9.34 -0.83
CA LYS A 23 3.51 -9.49 -0.90
C LYS A 23 3.99 -8.85 0.37
N ASN A 24 3.96 -9.66 1.45
CA ASN A 24 4.44 -9.33 2.76
C ASN A 24 5.93 -9.09 2.79
N PRO A 25 6.85 -9.92 2.24
CA PRO A 25 8.28 -9.63 2.23
C PRO A 25 8.57 -8.39 1.43
N SER A 26 9.57 -7.59 1.87
CA SER A 26 9.97 -6.36 1.26
C SER A 26 8.81 -5.39 1.30
N TYR A 27 8.45 -5.00 2.55
CA TYR A 27 7.35 -4.12 2.87
C TYR A 27 7.69 -2.70 2.54
N GLU A 28 9.02 -2.45 2.47
CA GLU A 28 9.69 -1.23 2.16
C GLU A 28 9.42 -0.85 0.73
N GLU A 29 9.19 -1.84 -0.17
CA GLU A 29 8.89 -1.62 -1.56
C GLU A 29 7.41 -1.42 -1.77
N ALA A 30 6.61 -1.46 -0.68
CA ALA A 30 5.19 -1.18 -0.70
C ALA A 30 4.96 0.14 -0.02
N TYR A 31 5.91 0.59 0.84
CA TYR A 31 5.82 1.85 1.54
C TYR A 31 6.36 2.90 0.61
N LEU A 32 7.64 2.78 0.24
CA LEU A 32 8.42 3.80 -0.41
C LEU A 32 7.98 4.05 -1.84
N LYS A 33 7.41 3.00 -2.48
CA LYS A 33 6.87 3.04 -3.83
C LYS A 33 5.65 3.93 -3.88
N PHE A 34 4.73 3.74 -2.90
CA PHE A 34 3.48 4.46 -2.78
C PHE A 34 3.78 5.74 -2.07
N GLY A 35 3.75 5.70 -0.73
CA GLY A 35 4.17 6.78 0.11
C GLY A 35 3.59 6.47 1.44
N ASP A 36 2.95 7.48 2.07
CA ASP A 36 2.38 7.41 3.41
C ASP A 36 1.17 6.51 3.50
N LYS A 37 0.79 5.85 2.37
CA LYS A 37 -0.25 4.88 2.22
C LYS A 37 -0.07 3.70 3.15
N LEU A 38 1.20 3.22 3.30
CA LEU A 38 1.52 2.09 4.16
C LEU A 38 1.49 2.49 5.60
N LEU A 39 1.85 3.75 5.93
CA LEU A 39 1.86 4.25 7.28
C LEU A 39 0.48 4.32 7.88
N GLU A 40 -0.49 4.87 7.11
CA GLU A 40 -1.86 5.04 7.57
C GLU A 40 -2.61 3.74 7.64
N TYR A 41 -2.33 2.78 6.73
CA TYR A 41 -3.04 1.51 6.64
C TYR A 41 -2.56 0.61 7.76
N GLU A 42 -1.34 0.87 8.26
CA GLU A 42 -0.72 0.17 9.37
C GLU A 42 -1.44 0.54 10.65
N LEU A 43 -1.64 1.86 10.85
CA LEU A 43 -2.31 2.42 12.00
C LEU A 43 -3.81 2.21 11.93
N LEU A 44 -4.36 1.90 10.74
CA LEU A 44 -5.77 1.72 10.50
C LEU A 44 -6.18 0.35 10.96
N GLY A 45 -5.81 -0.70 10.20
CA GLY A 45 -6.14 -2.06 10.57
C GLY A 45 -6.50 -2.80 9.32
N LYS A 46 -5.69 -2.60 8.25
CA LYS A 46 -5.81 -3.27 6.99
C LYS A 46 -4.68 -4.26 6.98
N ILE A 47 -3.46 -3.71 7.17
CA ILE A 47 -2.24 -4.41 7.41
C ILE A 47 -1.91 -4.17 8.87
N LYS A 48 -0.77 -4.73 9.33
CA LYS A 48 -0.08 -4.21 10.48
C LYS A 48 1.39 -4.38 10.16
N ARG A 49 2.26 -4.04 11.13
CA ARG A 49 3.68 -4.26 11.03
C ARG A 49 4.17 -4.22 12.44
N ILE A 50 5.17 -5.07 12.77
CA ILE A 50 5.75 -5.08 14.10
C ILE A 50 7.19 -5.51 13.97
N ASN A 51 7.47 -6.52 13.11
CA ASN A 51 8.75 -7.18 13.04
C ASN A 51 9.65 -6.40 12.12
N HIS A 52 9.77 -6.86 10.86
CA HIS A 52 10.58 -6.24 9.86
C HIS A 52 9.70 -5.96 8.67
N ILE A 53 8.66 -6.79 8.46
CA ILE A 53 7.80 -6.71 7.30
C ILE A 53 6.39 -6.54 7.78
N VAL A 54 5.45 -6.20 6.85
CA VAL A 54 4.04 -6.11 7.15
C VAL A 54 3.50 -7.50 7.32
N VAL A 55 2.35 -7.60 8.03
CA VAL A 55 1.52 -8.77 8.03
C VAL A 55 0.22 -8.26 7.49
N LEU A 56 -0.69 -9.18 7.08
CA LEU A 56 -2.05 -8.85 6.77
C LEU A 56 -2.81 -9.06 8.05
N ALA A 57 -3.94 -8.36 8.20
CA ALA A 57 -4.87 -8.57 9.29
C ALA A 57 -5.70 -9.80 9.01
N HIS A 58 -5.77 -10.21 7.72
CA HIS A 58 -6.38 -11.44 7.28
C HIS A 58 -5.42 -12.55 7.59
N HIS A 59 -5.92 -13.63 8.23
CA HIS A 59 -5.13 -14.76 8.63
C HIS A 59 -5.40 -15.87 7.60
N MET A 1 6.36 26.31 -11.06
CA MET A 1 5.20 25.92 -11.89
C MET A 1 4.47 24.79 -11.24
N LEU A 2 3.13 24.97 -11.06
CA LEU A 2 2.21 24.03 -10.44
C LEU A 2 2.50 23.91 -8.96
N LYS A 3 1.71 23.08 -8.25
CA LYS A 3 1.96 22.75 -6.88
C LYS A 3 1.75 21.27 -6.80
N ASP A 4 2.84 20.53 -6.50
CA ASP A 4 2.80 19.11 -6.35
C ASP A 4 3.75 18.83 -5.22
N TYR A 5 3.57 17.67 -4.56
CA TYR A 5 4.35 17.23 -3.44
C TYR A 5 5.23 16.13 -3.97
N HIS A 6 5.25 14.98 -3.26
CA HIS A 6 5.91 13.76 -3.65
C HIS A 6 4.96 12.88 -4.41
N LEU A 7 3.72 13.38 -4.69
CA LEU A 7 2.67 12.61 -5.29
C LEU A 7 2.95 12.45 -6.75
N LYS A 8 3.29 11.20 -7.15
CA LYS A 8 3.72 10.86 -8.48
C LYS A 8 2.54 10.37 -9.27
N GLU A 9 1.47 9.94 -8.57
CA GLU A 9 0.32 9.31 -9.12
C GLU A 9 -0.86 10.08 -8.61
N MET A 10 -2.08 9.59 -8.88
CA MET A 10 -3.29 10.11 -8.32
C MET A 10 -3.58 9.18 -7.15
N PRO A 11 -3.68 9.64 -5.90
CA PRO A 11 -4.10 8.84 -4.76
C PRO A 11 -5.61 8.65 -4.73
N GLU A 12 -6.17 8.05 -5.81
CA GLU A 12 -7.54 7.56 -5.87
C GLU A 12 -7.51 6.06 -5.75
N MET A 13 -6.30 5.52 -5.96
CA MET A 13 -6.00 4.11 -5.93
C MET A 13 -5.60 3.73 -4.53
N GLU A 14 -5.99 2.51 -4.08
CA GLU A 14 -5.77 2.11 -2.72
C GLU A 14 -5.95 0.62 -2.61
N ASP A 15 -6.72 0.02 -3.55
CA ASP A 15 -6.96 -1.40 -3.55
C ASP A 15 -5.81 -2.11 -4.21
N GLU A 16 -5.06 -1.35 -5.05
CA GLU A 16 -3.79 -1.73 -5.63
C GLU A 16 -2.82 -1.97 -4.51
N PHE A 17 -2.77 -1.05 -3.51
CA PHE A 17 -1.96 -1.17 -2.33
C PHE A 17 -2.33 -2.39 -1.52
N LEU A 18 -3.64 -2.66 -1.39
CA LEU A 18 -4.19 -3.72 -0.56
C LEU A 18 -3.95 -5.10 -1.14
N GLU A 19 -3.65 -5.19 -2.45
CA GLU A 19 -3.45 -6.42 -3.16
C GLU A 19 -1.96 -6.69 -3.17
N TYR A 20 -1.16 -5.61 -3.14
CA TYR A 20 0.28 -5.61 -3.17
C TYR A 20 0.82 -5.98 -1.83
N CYS A 21 -0.02 -5.78 -0.80
CA CYS A 21 0.34 -6.02 0.58
C CYS A 21 0.45 -7.50 0.86
N ALA A 22 -0.08 -8.35 -0.06
CA ALA A 22 0.00 -9.79 -0.05
C ALA A 22 1.42 -10.27 -0.24
N LYS A 23 2.29 -9.38 -0.78
CA LYS A 23 3.72 -9.54 -0.85
C LYS A 23 4.23 -8.93 0.43
N ASN A 24 4.17 -9.75 1.49
CA ASN A 24 4.63 -9.46 2.83
C ASN A 24 6.13 -9.22 2.88
N PRO A 25 7.06 -10.03 2.35
CA PRO A 25 8.48 -9.72 2.37
C PRO A 25 8.78 -8.47 1.59
N SER A 26 9.69 -7.63 2.12
CA SER A 26 10.06 -6.36 1.54
C SER A 26 8.85 -5.46 1.50
N TYR A 27 8.35 -5.12 2.72
CA TYR A 27 7.20 -4.29 2.95
C TYR A 27 7.53 -2.85 2.66
N GLU A 28 8.84 -2.57 2.75
CA GLU A 28 9.53 -1.34 2.52
C GLU A 28 9.36 -0.91 1.08
N GLU A 29 9.26 -1.87 0.14
CA GLU A 29 9.01 -1.57 -1.26
C GLU A 29 7.57 -1.16 -1.46
N ALA A 30 6.63 -1.77 -0.69
CA ALA A 30 5.22 -1.44 -0.78
C ALA A 30 4.90 -0.15 -0.06
N TYR A 31 5.81 0.34 0.80
CA TYR A 31 5.69 1.61 1.47
C TYR A 31 6.19 2.67 0.52
N LEU A 32 7.48 2.57 0.14
CA LEU A 32 8.24 3.63 -0.49
C LEU A 32 7.81 3.91 -1.91
N LYS A 33 7.25 2.89 -2.61
CA LYS A 33 6.70 3.00 -3.95
C LYS A 33 5.51 3.92 -3.94
N PHE A 34 4.58 3.69 -2.97
CA PHE A 34 3.35 4.42 -2.81
C PHE A 34 3.69 5.72 -2.12
N GLY A 35 3.78 5.67 -0.77
CA GLY A 35 4.25 6.77 0.02
C GLY A 35 3.62 6.59 1.35
N ASP A 36 2.82 7.60 1.77
CA ASP A 36 2.24 7.67 3.10
C ASP A 36 1.06 6.75 3.25
N LYS A 37 0.76 5.93 2.21
CA LYS A 37 -0.30 4.97 2.14
C LYS A 37 -0.11 3.85 3.14
N LEU A 38 1.14 3.36 3.30
CA LEU A 38 1.46 2.28 4.22
C LEU A 38 1.47 2.80 5.64
N LEU A 39 1.79 4.10 5.83
CA LEU A 39 1.85 4.70 7.15
C LEU A 39 0.48 4.84 7.75
N GLU A 40 -0.50 5.36 6.98
CA GLU A 40 -1.84 5.63 7.43
C GLU A 40 -2.62 4.37 7.65
N TYR A 41 -2.38 3.32 6.83
CA TYR A 41 -3.11 2.07 6.87
C TYR A 41 -2.60 1.22 7.99
N GLU A 42 -1.37 1.51 8.48
CA GLU A 42 -0.77 0.84 9.60
C GLU A 42 -1.34 1.41 10.88
N LEU A 43 -1.55 2.75 10.90
CA LEU A 43 -2.12 3.48 12.01
C LEU A 43 -3.61 3.24 12.10
N LEU A 44 -4.23 2.82 10.97
CA LEU A 44 -5.65 2.55 10.86
C LEU A 44 -5.91 1.19 11.46
N GLY A 45 -5.55 0.10 10.76
CA GLY A 45 -5.67 -1.24 11.29
C GLY A 45 -6.09 -2.17 10.21
N LYS A 46 -5.73 -1.86 8.95
CA LYS A 46 -5.95 -2.73 7.81
C LYS A 46 -4.81 -3.69 7.73
N ILE A 47 -3.59 -3.13 7.87
CA ILE A 47 -2.34 -3.83 7.88
C ILE A 47 -1.74 -3.57 9.23
N LYS A 48 -0.67 -4.33 9.58
CA LYS A 48 0.10 -4.09 10.76
C LYS A 48 1.53 -4.39 10.41
N ARG A 49 2.48 -3.90 11.22
CA ARG A 49 3.87 -4.23 11.10
C ARG A 49 4.39 -4.17 12.51
N ILE A 50 5.27 -5.12 12.90
CA ILE A 50 5.76 -5.18 14.26
C ILE A 50 7.12 -5.82 14.24
N ASN A 51 7.29 -6.92 13.47
CA ASN A 51 8.50 -7.71 13.45
C ASN A 51 9.51 -6.99 12.60
N HIS A 52 9.32 -7.06 11.26
CA HIS A 52 10.16 -6.40 10.31
C HIS A 52 9.25 -6.05 9.18
N ILE A 53 8.44 -7.03 8.74
CA ILE A 53 7.69 -6.95 7.51
C ILE A 53 6.25 -6.81 7.89
N VAL A 54 5.42 -6.46 6.89
CA VAL A 54 4.03 -6.18 7.06
C VAL A 54 3.32 -7.51 7.12
N VAL A 55 2.21 -7.56 7.88
CA VAL A 55 1.30 -8.67 7.90
C VAL A 55 -0.02 -8.04 7.63
N LEU A 56 -0.93 -8.77 6.95
CA LEU A 56 -2.27 -8.30 6.72
C LEU A 56 -3.07 -8.75 7.90
N ALA A 57 -4.17 -8.02 8.21
CA ALA A 57 -5.06 -8.36 9.30
C ALA A 57 -5.87 -9.58 8.95
N HIS A 58 -6.50 -9.56 7.76
CA HIS A 58 -7.29 -10.66 7.26
C HIS A 58 -6.38 -11.61 6.56
N HIS A 59 -6.69 -12.92 6.64
CA HIS A 59 -5.92 -13.97 6.02
C HIS A 59 -6.93 -14.84 5.26
N MET A 1 -25.68 -4.48 -17.05
CA MET A 1 -25.25 -3.32 -16.23
C MET A 1 -23.78 -3.11 -16.44
N LEU A 2 -22.93 -4.04 -15.93
CA LEU A 2 -21.51 -3.99 -16.07
C LEU A 2 -21.17 -4.54 -17.43
N LYS A 3 -20.26 -3.86 -18.15
CA LYS A 3 -19.92 -4.21 -19.50
C LYS A 3 -18.45 -3.97 -19.61
N ASP A 4 -17.68 -5.07 -19.80
CA ASP A 4 -16.24 -5.04 -19.93
C ASP A 4 -15.91 -5.15 -21.40
N TYR A 5 -14.71 -4.65 -21.76
CA TYR A 5 -14.24 -4.58 -23.12
C TYR A 5 -13.12 -5.58 -23.21
N HIS A 6 -11.96 -5.12 -23.75
CA HIS A 6 -10.76 -5.88 -23.90
C HIS A 6 -10.02 -5.96 -22.59
N LEU A 7 -10.22 -4.91 -21.75
CA LEU A 7 -9.56 -4.71 -20.48
C LEU A 7 -9.82 -5.84 -19.50
N LYS A 8 -8.89 -6.01 -18.53
CA LYS A 8 -8.90 -7.13 -17.62
C LYS A 8 -9.73 -6.76 -16.41
N GLU A 9 -9.07 -6.33 -15.32
CA GLU A 9 -9.66 -6.01 -14.05
C GLU A 9 -9.55 -4.53 -13.90
N MET A 10 -9.54 -4.04 -12.63
CA MET A 10 -9.25 -2.68 -12.30
C MET A 10 -7.87 -2.71 -11.69
N PRO A 11 -6.80 -2.30 -12.37
CA PRO A 11 -5.46 -2.31 -11.83
C PRO A 11 -5.23 -1.05 -11.01
N GLU A 12 -6.25 -0.16 -10.92
CA GLU A 12 -6.15 1.12 -10.27
C GLU A 12 -6.83 1.01 -8.93
N MET A 13 -6.34 0.07 -8.08
CA MET A 13 -6.81 -0.12 -6.73
C MET A 13 -5.80 0.51 -5.80
N GLU A 14 -6.19 0.72 -4.53
CA GLU A 14 -5.38 1.44 -3.59
C GLU A 14 -5.75 1.03 -2.20
N ASP A 15 -6.94 0.41 -2.05
CA ASP A 15 -7.41 -0.10 -0.78
C ASP A 15 -6.95 -1.54 -0.66
N GLU A 16 -6.63 -2.16 -1.82
CA GLU A 16 -5.94 -3.43 -1.92
C GLU A 16 -4.60 -3.31 -1.26
N PHE A 17 -3.89 -2.18 -1.50
CA PHE A 17 -2.65 -1.82 -0.89
C PHE A 17 -2.79 -1.72 0.62
N LEU A 18 -3.90 -1.12 1.11
CA LEU A 18 -4.15 -0.87 2.50
C LEU A 18 -4.41 -2.12 3.31
N GLU A 19 -4.85 -3.22 2.66
CA GLU A 19 -5.13 -4.47 3.32
C GLU A 19 -3.92 -5.36 3.29
N TYR A 20 -3.03 -5.10 2.31
CA TYR A 20 -1.80 -5.84 2.07
C TYR A 20 -0.75 -5.35 3.00
N CYS A 21 -0.93 -4.11 3.49
CA CYS A 21 0.03 -3.46 4.35
C CYS A 21 0.02 -4.05 5.74
N ALA A 22 -0.95 -4.96 6.01
CA ALA A 22 -1.06 -5.75 7.21
C ALA A 22 0.04 -6.78 7.31
N LYS A 23 0.79 -6.98 6.20
CA LYS A 23 2.08 -7.61 6.17
C LYS A 23 3.04 -6.48 6.37
N ASN A 24 3.25 -6.14 7.65
CA ASN A 24 4.20 -5.17 8.11
C ASN A 24 5.63 -5.61 7.88
N PRO A 25 6.11 -6.83 8.22
CA PRO A 25 7.47 -7.24 7.92
C PRO A 25 7.72 -7.29 6.44
N SER A 26 8.84 -6.67 6.00
CA SER A 26 9.28 -6.63 4.62
C SER A 26 8.24 -5.93 3.78
N TYR A 27 8.22 -4.58 3.90
CA TYR A 27 7.28 -3.71 3.24
C TYR A 27 7.67 -3.50 1.80
N GLU A 28 8.90 -3.92 1.49
CA GLU A 28 9.61 -3.80 0.24
C GLU A 28 8.88 -4.52 -0.84
N GLU A 29 8.34 -5.71 -0.51
CA GLU A 29 7.55 -6.53 -1.39
C GLU A 29 6.23 -5.87 -1.70
N ALA A 30 5.72 -5.05 -0.75
CA ALA A 30 4.45 -4.36 -0.89
C ALA A 30 4.62 -3.02 -1.54
N TYR A 31 5.87 -2.51 -1.65
CA TYR A 31 6.21 -1.26 -2.29
C TYR A 31 6.38 -1.57 -3.75
N LEU A 32 7.30 -2.49 -4.06
CA LEU A 32 7.82 -2.76 -5.38
C LEU A 32 6.80 -3.40 -6.28
N LYS A 33 5.82 -4.12 -5.70
CA LYS A 33 4.73 -4.75 -6.42
C LYS A 33 3.80 -3.70 -6.97
N PHE A 34 3.42 -2.72 -6.11
CA PHE A 34 2.47 -1.68 -6.43
C PHE A 34 3.20 -0.60 -7.18
N GLY A 35 3.89 0.29 -6.42
CA GLY A 35 4.93 1.13 -6.95
C GLY A 35 5.03 2.23 -5.98
N ASP A 36 4.88 3.48 -6.46
CA ASP A 36 5.02 4.69 -5.68
C ASP A 36 3.89 4.90 -4.69
N LYS A 37 2.94 3.94 -4.62
CA LYS A 37 1.82 3.86 -3.72
C LYS A 37 2.27 3.85 -2.27
N LEU A 38 3.36 3.10 -1.96
CA LEU A 38 3.90 2.99 -0.63
C LEU A 38 4.65 4.24 -0.26
N LEU A 39 5.27 4.92 -1.25
CA LEU A 39 6.04 6.13 -1.00
C LEU A 39 5.15 7.27 -0.56
N GLU A 40 4.03 7.50 -1.29
CA GLU A 40 3.10 8.57 -1.02
C GLU A 40 2.34 8.37 0.25
N TYR A 41 2.01 7.10 0.61
CA TYR A 41 1.17 6.78 1.75
C TYR A 41 2.00 6.86 3.00
N GLU A 42 3.34 6.68 2.85
CA GLU A 42 4.31 6.79 3.93
C GLU A 42 4.46 8.22 4.34
N LEU A 43 4.56 9.11 3.32
CA LEU A 43 4.71 10.53 3.44
C LEU A 43 3.42 11.19 3.89
N LEU A 44 2.27 10.52 3.64
CA LEU A 44 0.95 11.01 3.94
C LEU A 44 0.65 10.76 5.39
N GLY A 45 0.33 9.50 5.78
CA GLY A 45 0.15 9.16 7.17
C GLY A 45 -0.87 8.07 7.28
N LYS A 46 -1.01 7.23 6.22
CA LYS A 46 -1.88 6.08 6.23
C LYS A 46 -1.09 4.94 6.81
N ILE A 47 0.15 4.78 6.32
CA ILE A 47 1.16 3.94 6.89
C ILE A 47 2.22 4.87 7.38
N LYS A 48 3.22 4.34 8.13
CA LYS A 48 4.48 5.03 8.31
C LYS A 48 5.56 3.99 8.24
N ARG A 49 6.83 4.45 8.29
CA ARG A 49 8.02 3.62 8.40
C ARG A 49 8.95 4.48 9.19
N ILE A 50 9.62 3.92 10.22
CA ILE A 50 10.57 4.68 10.99
C ILE A 50 11.64 3.75 11.51
N ASN A 51 11.25 2.56 12.00
CA ASN A 51 12.14 1.65 12.70
C ASN A 51 12.93 0.88 11.67
N HIS A 52 12.38 -0.25 11.18
CA HIS A 52 13.03 -1.10 10.23
C HIS A 52 12.01 -1.43 9.18
N ILE A 53 10.73 -1.51 9.59
CA ILE A 53 9.63 -1.90 8.75
C ILE A 53 8.55 -0.89 8.93
N VAL A 54 7.45 -1.04 8.15
CA VAL A 54 6.31 -0.18 8.22
C VAL A 54 5.47 -0.57 9.39
N VAL A 55 4.58 0.36 9.79
CA VAL A 55 3.53 0.14 10.74
C VAL A 55 2.30 0.62 10.01
N LEU A 56 1.12 0.19 10.51
CA LEU A 56 -0.14 0.76 10.11
C LEU A 56 -0.36 1.88 11.07
N ALA A 57 -1.13 2.92 10.66
CA ALA A 57 -1.52 4.02 11.52
C ALA A 57 -2.40 3.51 12.63
N HIS A 58 -3.62 3.05 12.30
CA HIS A 58 -4.46 2.37 13.24
C HIS A 58 -5.41 1.55 12.42
N HIS A 59 -5.33 0.21 12.55
CA HIS A 59 -6.18 -0.76 11.91
C HIS A 59 -6.17 -0.58 10.38
N MET A 1 -7.59 21.70 -26.84
CA MET A 1 -7.77 20.45 -26.04
C MET A 1 -8.98 20.53 -25.16
N LEU A 2 -9.17 19.50 -24.30
CA LEU A 2 -10.26 19.40 -23.37
C LEU A 2 -9.72 19.82 -22.03
N LYS A 3 -10.11 19.14 -20.93
CA LYS A 3 -9.53 19.35 -19.62
C LYS A 3 -8.54 18.24 -19.45
N ASP A 4 -7.24 18.59 -19.65
CA ASP A 4 -6.16 17.68 -19.42
C ASP A 4 -4.99 18.60 -19.26
N TYR A 5 -4.24 18.41 -18.14
CA TYR A 5 -3.03 19.15 -17.88
C TYR A 5 -1.99 18.11 -17.61
N HIS A 6 -1.19 18.33 -16.55
CA HIS A 6 -0.12 17.48 -16.11
C HIS A 6 -0.62 16.45 -15.12
N LEU A 7 -1.95 16.37 -14.91
CA LEU A 7 -2.54 15.50 -13.93
C LEU A 7 -2.51 14.08 -14.44
N LYS A 8 -2.73 13.12 -13.51
CA LYS A 8 -2.64 11.71 -13.76
C LYS A 8 -3.99 11.24 -14.28
N GLU A 9 -4.26 9.92 -14.20
CA GLU A 9 -5.50 9.28 -14.55
C GLU A 9 -6.39 9.40 -13.35
N MET A 10 -6.39 8.36 -12.50
CA MET A 10 -7.13 8.32 -11.28
C MET A 10 -6.10 7.91 -10.26
N PRO A 11 -5.52 8.82 -9.48
CA PRO A 11 -4.61 8.51 -8.39
C PRO A 11 -5.38 8.12 -7.15
N GLU A 12 -6.67 7.75 -7.29
CA GLU A 12 -7.57 7.42 -6.21
C GLU A 12 -7.59 5.92 -6.01
N MET A 13 -6.45 5.25 -6.30
CA MET A 13 -6.30 3.82 -6.15
C MET A 13 -5.79 3.55 -4.77
N GLU A 14 -6.19 2.40 -4.19
CA GLU A 14 -5.93 2.10 -2.80
C GLU A 14 -6.11 0.63 -2.57
N ASP A 15 -6.87 -0.02 -3.47
CA ASP A 15 -7.08 -1.46 -3.44
C ASP A 15 -5.95 -2.12 -4.17
N GLU A 16 -5.21 -1.32 -4.97
CA GLU A 16 -3.93 -1.64 -5.57
C GLU A 16 -2.93 -1.88 -4.47
N PHE A 17 -2.96 -1.05 -3.40
CA PHE A 17 -2.12 -1.20 -2.24
C PHE A 17 -2.48 -2.46 -1.49
N LEU A 18 -3.78 -2.80 -1.41
CA LEU A 18 -4.27 -3.93 -0.66
C LEU A 18 -3.96 -5.26 -1.30
N GLU A 19 -3.75 -5.30 -2.65
CA GLU A 19 -3.52 -6.54 -3.35
C GLU A 19 -2.03 -6.78 -3.48
N TYR A 20 -1.25 -5.68 -3.33
CA TYR A 20 0.19 -5.66 -3.33
C TYR A 20 0.69 -6.15 -2.03
N CYS A 21 -0.08 -5.85 -0.96
CA CYS A 21 0.34 -6.11 0.40
C CYS A 21 0.30 -7.59 0.74
N ALA A 22 -0.20 -8.43 -0.20
CA ALA A 22 -0.15 -9.87 -0.13
C ALA A 22 1.26 -10.37 -0.34
N LYS A 23 2.15 -9.48 -0.85
CA LYS A 23 3.58 -9.60 -0.78
C LYS A 23 3.95 -8.90 0.50
N ASN A 24 3.80 -9.67 1.59
CA ASN A 24 4.16 -9.34 2.95
C ASN A 24 5.64 -9.13 3.13
N PRO A 25 6.61 -9.86 2.56
CA PRO A 25 8.02 -9.50 2.63
C PRO A 25 8.27 -8.17 1.97
N SER A 26 9.27 -7.43 2.47
CA SER A 26 9.64 -6.13 1.99
C SER A 26 8.53 -5.14 2.27
N TYR A 27 8.50 -4.70 3.55
CA TYR A 27 7.68 -3.64 4.11
C TYR A 27 8.04 -2.36 3.42
N GLU A 28 9.36 -2.17 3.22
CA GLU A 28 10.00 -1.02 2.66
C GLU A 28 9.55 -0.78 1.25
N GLU A 29 9.48 -1.82 0.38
CA GLU A 29 9.15 -1.64 -1.01
C GLU A 29 7.67 -1.34 -1.21
N ALA A 30 6.79 -1.85 -0.32
CA ALA A 30 5.37 -1.61 -0.41
C ALA A 30 5.00 -0.25 0.13
N TYR A 31 5.86 0.34 0.97
CA TYR A 31 5.70 1.67 1.52
C TYR A 31 6.20 2.66 0.50
N LEU A 32 7.49 2.55 0.14
CA LEU A 32 8.25 3.56 -0.57
C LEU A 32 7.83 3.72 -2.00
N LYS A 33 7.25 2.65 -2.61
CA LYS A 33 6.68 2.69 -3.94
C LYS A 33 5.52 3.64 -3.98
N PHE A 34 4.57 3.47 -3.03
CA PHE A 34 3.36 4.24 -2.91
C PHE A 34 3.71 5.56 -2.28
N GLY A 35 3.76 5.59 -0.94
CA GLY A 35 4.20 6.73 -0.18
C GLY A 35 3.58 6.53 1.15
N ASP A 36 2.90 7.58 1.68
CA ASP A 36 2.35 7.62 3.01
C ASP A 36 1.12 6.75 3.15
N LYS A 37 0.74 6.01 2.09
CA LYS A 37 -0.33 5.04 2.03
C LYS A 37 -0.14 3.92 3.02
N LEU A 38 1.11 3.43 3.19
CA LEU A 38 1.42 2.34 4.09
C LEU A 38 1.37 2.82 5.51
N LEU A 39 1.71 4.11 5.77
CA LEU A 39 1.73 4.68 7.09
C LEU A 39 0.34 4.76 7.67
N GLU A 40 -0.64 5.30 6.90
CA GLU A 40 -2.00 5.47 7.33
C GLU A 40 -2.74 4.16 7.46
N TYR A 41 -2.42 3.16 6.61
CA TYR A 41 -3.10 1.88 6.59
C TYR A 41 -2.64 1.05 7.74
N GLU A 42 -1.41 1.35 8.24
CA GLU A 42 -0.82 0.70 9.39
C GLU A 42 -1.54 1.12 10.64
N LEU A 43 -1.76 2.46 10.78
CA LEU A 43 -2.47 3.08 11.88
C LEU A 43 -3.94 2.76 11.84
N LEU A 44 -4.49 2.37 10.67
CA LEU A 44 -5.89 2.02 10.51
C LEU A 44 -6.13 0.66 11.12
N GLY A 45 -5.48 -0.39 10.57
CA GLY A 45 -5.55 -1.73 11.10
C GLY A 45 -5.96 -2.68 10.01
N LYS A 46 -5.58 -2.35 8.75
CA LYS A 46 -5.80 -3.19 7.60
C LYS A 46 -4.56 -3.98 7.36
N ILE A 47 -3.40 -3.35 7.65
CA ILE A 47 -2.10 -3.97 7.69
C ILE A 47 -1.56 -3.66 9.06
N LYS A 48 -0.42 -4.29 9.43
CA LYS A 48 0.33 -3.90 10.61
C LYS A 48 1.77 -4.16 10.28
N ARG A 49 2.69 -3.72 11.17
CA ARG A 49 4.07 -4.12 11.13
C ARG A 49 4.49 -4.10 12.57
N ILE A 50 5.32 -5.08 12.97
CA ILE A 50 5.76 -5.21 14.33
C ILE A 50 7.08 -5.93 14.32
N ASN A 51 7.19 -7.00 13.48
CA ASN A 51 8.29 -7.92 13.51
C ASN A 51 9.41 -7.35 12.68
N HIS A 52 9.36 -7.56 11.36
CA HIS A 52 10.40 -7.17 10.45
C HIS A 52 9.74 -6.67 9.21
N ILE A 53 8.64 -7.35 8.80
CA ILE A 53 7.98 -7.14 7.55
C ILE A 53 6.58 -6.71 7.87
N VAL A 54 5.82 -6.31 6.81
CA VAL A 54 4.44 -5.90 6.93
C VAL A 54 3.64 -7.16 6.92
N VAL A 55 2.48 -7.17 7.61
CA VAL A 55 1.57 -8.29 7.62
C VAL A 55 0.26 -7.74 7.15
N LEU A 56 -0.63 -8.63 6.68
CA LEU A 56 -2.01 -8.30 6.45
C LEU A 56 -2.69 -8.60 7.77
N ALA A 57 -3.73 -7.83 8.10
CA ALA A 57 -4.57 -8.07 9.25
C ALA A 57 -5.79 -8.77 8.76
N HIS A 58 -6.27 -8.39 7.55
CA HIS A 58 -7.41 -9.00 6.90
C HIS A 58 -6.95 -10.27 6.24
N HIS A 59 -7.72 -11.36 6.48
CA HIS A 59 -7.47 -12.63 5.85
C HIS A 59 -8.86 -13.20 5.53
N MET A 1 -10.90 -2.80 -11.82
CA MET A 1 -10.60 -4.20 -12.20
C MET A 1 -11.68 -4.65 -13.14
N LEU A 2 -12.73 -5.32 -12.59
CA LEU A 2 -13.87 -5.80 -13.34
C LEU A 2 -14.90 -4.72 -13.25
N LYS A 3 -15.32 -4.47 -12.00
CA LYS A 3 -16.28 -3.46 -11.64
C LYS A 3 -15.54 -2.15 -11.56
N ASP A 4 -15.89 -1.24 -12.48
CA ASP A 4 -15.41 0.11 -12.50
C ASP A 4 -16.64 0.94 -12.72
N TYR A 5 -16.50 2.28 -12.64
CA TYR A 5 -17.60 3.21 -12.72
C TYR A 5 -17.24 4.15 -13.82
N HIS A 6 -17.32 5.47 -13.53
CA HIS A 6 -16.93 6.55 -14.40
C HIS A 6 -15.43 6.65 -14.44
N LEU A 7 -14.79 6.18 -13.34
CA LEU A 7 -13.37 6.13 -13.09
C LEU A 7 -12.63 5.49 -14.23
N LYS A 8 -11.78 6.31 -14.90
CA LYS A 8 -11.08 5.94 -16.10
C LYS A 8 -9.62 5.87 -15.72
N GLU A 9 -9.11 7.01 -15.21
CA GLU A 9 -7.74 7.15 -14.76
C GLU A 9 -7.72 6.78 -13.31
N MET A 10 -6.52 6.80 -12.68
CA MET A 10 -6.34 6.42 -11.31
C MET A 10 -5.81 7.61 -10.57
N PRO A 11 -6.65 8.50 -10.02
CA PRO A 11 -6.20 9.64 -9.23
C PRO A 11 -5.85 9.20 -7.84
N GLU A 12 -6.41 8.06 -7.38
CA GLU A 12 -6.10 7.50 -6.10
C GLU A 12 -6.53 6.06 -6.21
N MET A 13 -5.55 5.14 -6.17
CA MET A 13 -5.78 3.72 -6.09
C MET A 13 -5.57 3.32 -4.66
N GLU A 14 -6.10 2.13 -4.28
CA GLU A 14 -6.07 1.70 -2.91
C GLU A 14 -6.15 0.22 -2.84
N ASP A 15 -6.79 -0.42 -3.85
CA ASP A 15 -6.89 -1.86 -3.97
C ASP A 15 -5.62 -2.37 -4.60
N GLU A 16 -4.92 -1.48 -5.36
CA GLU A 16 -3.58 -1.72 -5.86
C GLU A 16 -2.66 -1.91 -4.69
N PHE A 17 -2.74 -1.01 -3.67
CA PHE A 17 -1.99 -1.11 -2.44
C PHE A 17 -2.38 -2.35 -1.67
N LEU A 18 -3.70 -2.64 -1.57
CA LEU A 18 -4.25 -3.63 -0.68
C LEU A 18 -3.93 -5.05 -1.10
N GLU A 19 -3.61 -5.27 -2.40
CA GLU A 19 -3.37 -6.59 -2.94
C GLU A 19 -1.89 -6.78 -3.11
N TYR A 20 -1.12 -5.67 -3.05
CA TYR A 20 0.32 -5.64 -3.11
C TYR A 20 0.86 -5.92 -1.75
N CYS A 21 -0.01 -5.77 -0.73
CA CYS A 21 0.34 -5.98 0.65
C CYS A 21 0.60 -7.44 0.93
N ALA A 22 0.07 -8.33 0.05
CA ALA A 22 0.22 -9.76 0.09
C ALA A 22 1.63 -10.19 -0.26
N LYS A 23 2.45 -9.25 -0.78
CA LYS A 23 3.88 -9.35 -0.84
C LYS A 23 4.34 -8.75 0.45
N ASN A 24 4.26 -9.57 1.52
CA ASN A 24 4.67 -9.27 2.87
C ASN A 24 6.17 -9.09 2.96
N PRO A 25 7.09 -9.94 2.45
CA PRO A 25 8.52 -9.67 2.46
C PRO A 25 8.83 -8.45 1.65
N SER A 26 9.73 -7.58 2.19
CA SER A 26 10.13 -6.34 1.58
C SER A 26 8.92 -5.44 1.48
N TYR A 27 8.39 -5.10 2.67
CA TYR A 27 7.23 -4.26 2.90
C TYR A 27 7.58 -2.82 2.63
N GLU A 28 8.90 -2.55 2.73
CA GLU A 28 9.57 -1.30 2.51
C GLU A 28 9.40 -0.86 1.09
N GLU A 29 9.28 -1.79 0.12
CA GLU A 29 9.04 -1.48 -1.27
C GLU A 29 7.60 -1.11 -1.48
N ALA A 30 6.66 -1.68 -0.69
CA ALA A 30 5.25 -1.36 -0.77
C ALA A 30 4.94 -0.06 -0.08
N TYR A 31 5.87 0.46 0.76
CA TYR A 31 5.78 1.76 1.37
C TYR A 31 6.30 2.77 0.39
N LEU A 32 7.58 2.63 0.00
CA LEU A 32 8.36 3.65 -0.66
C LEU A 32 7.93 3.91 -2.08
N LYS A 33 7.33 2.89 -2.75
CA LYS A 33 6.77 3.00 -4.09
C LYS A 33 5.61 3.96 -4.07
N PHE A 34 4.67 3.73 -3.13
CA PHE A 34 3.43 4.48 -2.98
C PHE A 34 3.77 5.77 -2.29
N GLY A 35 3.83 5.74 -0.95
CA GLY A 35 4.29 6.84 -0.15
C GLY A 35 3.68 6.62 1.19
N ASP A 36 2.99 7.66 1.72
CA ASP A 36 2.45 7.68 3.06
C ASP A 36 1.24 6.79 3.21
N LYS A 37 0.88 6.04 2.13
CA LYS A 37 -0.20 5.09 2.03
C LYS A 37 -0.01 3.94 2.99
N LEU A 38 1.24 3.45 3.15
CA LEU A 38 1.56 2.34 4.03
C LEU A 38 1.56 2.79 5.46
N LEU A 39 1.94 4.06 5.73
CA LEU A 39 1.99 4.61 7.06
C LEU A 39 0.63 4.67 7.71
N GLU A 40 -0.37 5.16 6.95
CA GLU A 40 -1.73 5.32 7.43
C GLU A 40 -2.48 4.02 7.52
N TYR A 41 -2.22 3.04 6.62
CA TYR A 41 -2.92 1.77 6.57
C TYR A 41 -2.42 0.89 7.70
N GLU A 42 -1.18 1.15 8.15
CA GLU A 42 -0.54 0.49 9.28
C GLU A 42 -1.22 0.91 10.55
N LEU A 43 -1.40 2.24 10.70
CA LEU A 43 -2.03 2.86 11.84
C LEU A 43 -3.53 2.65 11.85
N LEU A 44 -4.11 2.26 10.70
CA LEU A 44 -5.52 2.03 10.50
C LEU A 44 -5.86 0.67 11.06
N GLY A 45 -5.49 -0.42 10.35
CA GLY A 45 -5.72 -1.76 10.84
C GLY A 45 -6.08 -2.67 9.71
N LYS A 46 -5.69 -2.31 8.47
CA LYS A 46 -5.87 -3.13 7.30
C LYS A 46 -4.68 -4.04 7.21
N ILE A 47 -3.48 -3.42 7.28
CA ILE A 47 -2.24 -4.09 7.53
C ILE A 47 -1.88 -3.75 8.95
N LYS A 48 -0.79 -4.36 9.46
CA LYS A 48 -0.02 -3.75 10.51
C LYS A 48 1.41 -4.06 10.20
N ARG A 49 2.34 -3.61 11.07
CA ARG A 49 3.74 -3.94 11.02
C ARG A 49 4.08 -4.06 12.47
N ILE A 50 4.74 -5.17 12.88
CA ILE A 50 5.08 -5.39 14.26
C ILE A 50 6.40 -6.09 14.30
N ASN A 51 6.65 -7.06 13.39
CA ASN A 51 7.82 -7.91 13.42
C ASN A 51 8.94 -7.18 12.72
N HIS A 52 9.15 -7.47 11.42
CA HIS A 52 10.17 -6.82 10.63
C HIS A 52 9.53 -6.40 9.33
N ILE A 53 8.41 -7.06 8.96
CA ILE A 53 7.69 -6.84 7.72
C ILE A 53 6.27 -6.63 8.13
N VAL A 54 5.37 -6.37 7.15
CA VAL A 54 3.97 -6.19 7.41
C VAL A 54 3.34 -7.53 7.64
N VAL A 55 2.24 -7.53 8.43
CA VAL A 55 1.32 -8.62 8.55
C VAL A 55 0.07 -8.11 7.88
N LEU A 56 -0.77 -9.05 7.40
CA LEU A 56 -2.10 -8.72 6.93
C LEU A 56 -2.99 -8.96 8.11
N ALA A 57 -4.12 -8.24 8.17
CA ALA A 57 -5.18 -8.47 9.12
C ALA A 57 -6.11 -9.57 8.63
N HIS A 58 -5.73 -10.25 7.52
CA HIS A 58 -6.48 -11.30 6.89
C HIS A 58 -6.18 -12.58 7.62
N HIS A 59 -7.03 -13.61 7.38
CA HIS A 59 -6.91 -14.92 7.99
C HIS A 59 -7.05 -15.99 6.91
N MET A 1 1.81 10.38 -29.14
CA MET A 1 0.75 11.42 -28.98
C MET A 1 1.36 12.78 -29.18
N LEU A 2 0.83 13.79 -28.46
CA LEU A 2 1.33 15.15 -28.49
C LEU A 2 2.25 15.28 -27.31
N LYS A 3 2.89 16.46 -27.17
CA LYS A 3 3.83 16.76 -26.13
C LYS A 3 3.06 17.13 -24.90
N ASP A 4 3.28 16.36 -23.81
CA ASP A 4 2.60 16.53 -22.54
C ASP A 4 3.57 17.16 -21.59
N TYR A 5 3.06 17.68 -20.46
CA TYR A 5 3.81 18.49 -19.54
C TYR A 5 3.98 17.68 -18.28
N HIS A 6 3.82 18.34 -17.11
CA HIS A 6 3.98 17.77 -15.80
C HIS A 6 2.66 17.20 -15.31
N LEU A 7 1.64 17.16 -16.19
CA LEU A 7 0.29 16.81 -15.83
C LEU A 7 0.21 15.33 -15.56
N LYS A 8 -0.36 14.99 -14.39
CA LYS A 8 -0.48 13.64 -13.90
C LYS A 8 -1.93 13.50 -13.54
N GLU A 9 -2.50 12.27 -13.64
CA GLU A 9 -3.83 11.98 -13.22
C GLU A 9 -3.67 11.46 -11.83
N MET A 10 -4.37 12.10 -10.87
CA MET A 10 -4.32 11.70 -9.49
C MET A 10 -5.74 11.54 -9.03
N PRO A 11 -6.37 10.39 -9.28
CA PRO A 11 -7.67 10.05 -8.73
C PRO A 11 -7.47 9.53 -7.32
N GLU A 12 -7.98 8.33 -6.99
CA GLU A 12 -7.80 7.72 -5.70
C GLU A 12 -7.80 6.25 -5.94
N MET A 13 -6.59 5.63 -5.85
CA MET A 13 -6.40 4.21 -5.91
C MET A 13 -5.75 3.83 -4.61
N GLU A 14 -6.11 2.64 -4.06
CA GLU A 14 -5.76 2.31 -2.72
C GLU A 14 -5.98 0.85 -2.48
N ASP A 15 -6.78 0.21 -3.35
CA ASP A 15 -7.04 -1.21 -3.27
C ASP A 15 -5.96 -1.94 -4.03
N GLU A 16 -5.26 -1.20 -4.94
CA GLU A 16 -4.04 -1.62 -5.59
C GLU A 16 -3.00 -1.89 -4.54
N PHE A 17 -2.88 -0.97 -3.55
CA PHE A 17 -2.01 -1.08 -2.40
C PHE A 17 -2.34 -2.32 -1.58
N LEU A 18 -3.64 -2.61 -1.39
CA LEU A 18 -4.11 -3.70 -0.57
C LEU A 18 -3.83 -5.06 -1.17
N GLU A 19 -3.64 -5.15 -2.50
CA GLU A 19 -3.40 -6.41 -3.17
C GLU A 19 -1.92 -6.64 -3.31
N TYR A 20 -1.15 -5.54 -3.22
CA TYR A 20 0.30 -5.51 -3.34
C TYR A 20 0.90 -5.88 -2.04
N CYS A 21 0.12 -5.67 -0.96
CA CYS A 21 0.57 -5.88 0.39
C CYS A 21 0.71 -7.36 0.70
N ALA A 22 0.14 -8.22 -0.17
CA ALA A 22 0.22 -9.66 -0.11
C ALA A 22 1.61 -10.16 -0.40
N LYS A 23 2.48 -9.27 -0.94
CA LYS A 23 3.91 -9.44 -1.00
C LYS A 23 4.41 -8.82 0.27
N ASN A 24 4.34 -9.62 1.35
CA ASN A 24 4.77 -9.31 2.68
C ASN A 24 6.27 -9.09 2.76
N PRO A 25 7.20 -9.90 2.23
CA PRO A 25 8.63 -9.59 2.23
C PRO A 25 8.90 -8.35 1.44
N SER A 26 9.81 -7.50 1.95
CA SER A 26 10.16 -6.22 1.36
C SER A 26 8.94 -5.35 1.36
N TYR A 27 8.46 -5.04 2.58
CA TYR A 27 7.29 -4.23 2.86
C TYR A 27 7.58 -2.78 2.57
N GLU A 28 8.88 -2.47 2.63
CA GLU A 28 9.52 -1.21 2.38
C GLU A 28 9.29 -0.80 0.94
N GLU A 29 9.17 -1.75 0.01
CA GLU A 29 8.89 -1.47 -1.38
C GLU A 29 7.46 -1.07 -1.57
N ALA A 30 6.52 -1.61 -0.75
CA ALA A 30 5.12 -1.26 -0.81
C ALA A 30 4.86 0.05 -0.11
N TYR A 31 5.75 0.48 0.80
CA TYR A 31 5.65 1.76 1.47
C TYR A 31 6.15 2.81 0.54
N LEU A 32 7.42 2.69 0.11
CA LEU A 32 8.17 3.73 -0.56
C LEU A 32 7.71 4.00 -1.97
N LYS A 33 7.13 2.99 -2.64
CA LYS A 33 6.57 3.11 -3.98
C LYS A 33 5.35 4.00 -3.94
N PHE A 34 4.45 3.72 -2.99
CA PHE A 34 3.20 4.42 -2.80
C PHE A 34 3.49 5.71 -2.08
N GLY A 35 3.54 5.65 -0.73
CA GLY A 35 4.01 6.73 0.08
C GLY A 35 3.42 6.49 1.42
N ASP A 36 2.71 7.50 1.96
CA ASP A 36 2.17 7.49 3.31
C ASP A 36 0.97 6.59 3.42
N LYS A 37 0.62 5.86 2.33
CA LYS A 37 -0.42 4.88 2.22
C LYS A 37 -0.22 3.74 3.19
N LEU A 38 1.04 3.25 3.32
CA LEU A 38 1.39 2.15 4.21
C LEU A 38 1.39 2.61 5.64
N LEU A 39 1.75 3.89 5.90
CA LEU A 39 1.84 4.43 7.23
C LEU A 39 0.48 4.56 7.87
N GLU A 40 -0.50 5.10 7.13
CA GLU A 40 -1.84 5.35 7.61
C GLU A 40 -2.64 4.10 7.78
N TYR A 41 -2.43 3.09 6.90
CA TYR A 41 -3.15 1.84 6.90
C TYR A 41 -2.63 0.94 7.99
N GLU A 42 -1.40 1.22 8.47
CA GLU A 42 -0.78 0.53 9.58
C GLU A 42 -1.35 1.03 10.87
N LEU A 43 -1.54 2.36 10.96
CA LEU A 43 -2.10 3.05 12.11
C LEU A 43 -3.59 2.81 12.21
N LEU A 44 -4.23 2.44 11.08
CA LEU A 44 -5.65 2.21 10.97
C LEU A 44 -5.94 0.82 11.49
N GLY A 45 -5.59 -0.24 10.72
CA GLY A 45 -5.72 -1.60 11.18
C GLY A 45 -6.27 -2.42 10.06
N LYS A 46 -5.63 -2.31 8.87
CA LYS A 46 -5.95 -3.09 7.69
C LYS A 46 -4.80 -4.02 7.50
N ILE A 47 -3.59 -3.45 7.60
CA ILE A 47 -2.31 -4.11 7.62
C ILE A 47 -1.78 -3.86 9.00
N LYS A 48 -0.69 -4.57 9.38
CA LYS A 48 0.05 -4.26 10.58
C LYS A 48 1.49 -4.48 10.27
N ARG A 49 2.38 -3.90 11.09
CA ARG A 49 3.81 -4.14 11.01
C ARG A 49 4.28 -4.00 12.42
N ILE A 50 5.21 -4.88 12.86
CA ILE A 50 5.72 -4.85 14.21
C ILE A 50 7.06 -5.52 14.21
N ASN A 51 7.20 -6.63 13.44
CA ASN A 51 8.37 -7.48 13.47
C ASN A 51 9.45 -6.86 12.63
N HIS A 52 9.46 -7.16 11.31
CA HIS A 52 10.44 -6.66 10.39
C HIS A 52 9.70 -6.19 9.19
N ILE A 53 8.66 -6.97 8.78
CA ILE A 53 7.92 -6.76 7.58
C ILE A 53 6.47 -6.61 7.95
N VAL A 54 5.64 -6.28 6.95
CA VAL A 54 4.22 -6.09 7.07
C VAL A 54 3.60 -7.46 7.09
N VAL A 55 2.45 -7.59 7.80
CA VAL A 55 1.62 -8.76 7.76
C VAL A 55 0.29 -8.22 7.36
N LEU A 56 -0.55 -9.06 6.71
CA LEU A 56 -1.92 -8.73 6.46
C LEU A 56 -2.67 -9.14 7.70
N ALA A 57 -3.83 -8.50 7.96
CA ALA A 57 -4.70 -8.84 9.06
C ALA A 57 -5.31 -10.21 8.86
N HIS A 58 -5.68 -10.53 7.60
CA HIS A 58 -6.21 -11.83 7.24
C HIS A 58 -5.36 -12.38 6.15
N HIS A 59 -5.07 -13.70 6.23
CA HIS A 59 -4.37 -14.43 5.20
C HIS A 59 -5.30 -15.58 4.79
N MET A 1 -14.59 10.11 -22.24
CA MET A 1 -14.13 9.24 -21.14
C MET A 1 -15.23 9.16 -20.11
N LEU A 2 -15.21 10.04 -19.10
CA LEU A 2 -16.20 10.11 -18.08
C LEU A 2 -16.16 11.54 -17.63
N LYS A 3 -17.14 11.96 -16.79
CA LYS A 3 -17.18 13.30 -16.25
C LYS A 3 -16.35 13.27 -15.00
N ASP A 4 -15.22 14.01 -15.04
CA ASP A 4 -14.30 14.12 -13.94
C ASP A 4 -14.11 15.59 -13.74
N TYR A 5 -13.45 15.97 -12.62
CA TYR A 5 -13.21 17.34 -12.26
C TYR A 5 -11.74 17.57 -12.48
N HIS A 6 -11.07 18.13 -11.45
CA HIS A 6 -9.64 18.33 -11.36
C HIS A 6 -8.98 17.01 -11.07
N LEU A 7 -9.74 16.11 -10.38
CA LEU A 7 -9.35 14.79 -9.96
C LEU A 7 -8.96 13.95 -11.15
N LYS A 8 -7.81 13.27 -11.02
CA LYS A 8 -7.18 12.52 -12.07
C LYS A 8 -7.20 11.08 -11.65
N GLU A 9 -6.29 10.71 -10.71
CA GLU A 9 -6.04 9.35 -10.33
C GLU A 9 -6.64 9.15 -8.98
N MET A 10 -6.90 7.86 -8.65
CA MET A 10 -7.48 7.47 -7.39
C MET A 10 -6.52 6.51 -6.77
N PRO A 11 -5.62 6.93 -5.87
CA PRO A 11 -4.82 6.05 -5.04
C PRO A 11 -5.65 5.62 -3.84
N GLU A 12 -6.78 4.91 -4.09
CA GLU A 12 -7.71 4.48 -3.09
C GLU A 12 -7.72 2.98 -3.22
N MET A 13 -8.93 2.38 -3.21
CA MET A 13 -9.24 0.98 -3.28
C MET A 13 -8.58 0.20 -2.19
N GLU A 14 -8.49 -1.14 -2.32
CA GLU A 14 -7.92 -1.95 -1.29
C GLU A 14 -7.51 -3.26 -1.85
N ASP A 15 -8.26 -3.75 -2.87
CA ASP A 15 -7.97 -5.00 -3.52
C ASP A 15 -6.89 -4.78 -4.56
N GLU A 16 -6.84 -3.53 -5.08
CA GLU A 16 -5.80 -3.02 -5.94
C GLU A 16 -4.49 -3.06 -5.19
N PHE A 17 -4.50 -2.64 -3.91
CA PHE A 17 -3.37 -2.70 -3.02
C PHE A 17 -2.98 -4.13 -2.73
N LEU A 18 -3.96 -5.03 -2.54
CA LEU A 18 -3.76 -6.42 -2.15
C LEU A 18 -3.11 -7.26 -3.23
N GLU A 19 -3.20 -6.86 -4.52
CA GLU A 19 -2.64 -7.62 -5.61
C GLU A 19 -1.28 -7.09 -5.95
N TYR A 20 -1.00 -5.85 -5.51
CA TYR A 20 0.24 -5.13 -5.70
C TYR A 20 1.19 -5.54 -4.64
N CYS A 21 0.65 -6.10 -3.54
CA CYS A 21 1.43 -6.48 -2.38
C CYS A 21 2.30 -7.67 -2.70
N ALA A 22 1.89 -8.46 -3.73
CA ALA A 22 2.59 -9.62 -4.25
C ALA A 22 3.88 -9.26 -4.93
N LYS A 23 4.08 -7.96 -5.22
CA LYS A 23 5.32 -7.38 -5.63
C LYS A 23 5.98 -6.91 -4.35
N ASN A 24 6.55 -7.91 -3.64
CA ASN A 24 7.21 -7.78 -2.35
C ASN A 24 8.47 -6.94 -2.40
N PRO A 25 9.48 -7.09 -3.29
CA PRO A 25 10.68 -6.26 -3.29
C PRO A 25 10.33 -4.84 -3.57
N SER A 26 11.00 -3.88 -2.88
CA SER A 26 10.75 -2.47 -2.99
C SER A 26 9.33 -2.20 -2.55
N TYR A 27 9.09 -2.49 -1.25
CA TYR A 27 7.81 -2.40 -0.60
C TYR A 27 7.41 -0.97 -0.40
N GLU A 28 8.44 -0.11 -0.36
CA GLU A 28 8.43 1.31 -0.24
C GLU A 28 7.70 1.93 -1.39
N GLU A 29 7.79 1.35 -2.60
CA GLU A 29 7.11 1.84 -3.78
C GLU A 29 5.63 1.54 -3.71
N ALA A 30 5.24 0.39 -3.10
CA ALA A 30 3.86 -0.02 -2.95
C ALA A 30 3.21 0.64 -1.76
N TYR A 31 4.01 1.27 -0.87
CA TYR A 31 3.57 2.04 0.27
C TYR A 31 3.28 3.42 -0.24
N LEU A 32 4.31 4.09 -0.79
CA LEU A 32 4.33 5.51 -1.06
C LEU A 32 3.41 5.92 -2.18
N LYS A 33 3.12 4.99 -3.12
CA LYS A 33 2.20 5.19 -4.22
C LYS A 33 0.79 5.36 -3.69
N PHE A 34 0.39 4.48 -2.76
CA PHE A 34 -0.92 4.44 -2.15
C PHE A 34 -0.96 5.45 -1.05
N GLY A 35 -0.42 5.07 0.13
CA GLY A 35 -0.04 5.98 1.16
C GLY A 35 -0.04 5.14 2.38
N ASP A 36 -0.79 5.57 3.42
CA ASP A 36 -0.86 4.92 4.71
C ASP A 36 -1.59 3.60 4.69
N LYS A 37 -2.01 3.14 3.48
CA LYS A 37 -2.65 1.88 3.19
C LYS A 37 -1.79 0.70 3.59
N LEU A 38 -0.45 0.81 3.35
CA LEU A 38 0.50 -0.24 3.67
C LEU A 38 0.77 -0.27 5.16
N LEU A 39 0.65 0.89 5.85
CA LEU A 39 0.88 1.00 7.27
C LEU A 39 -0.21 0.34 8.07
N GLU A 40 -1.48 0.59 7.69
CA GLU A 40 -2.65 0.06 8.39
C GLU A 40 -2.81 -1.42 8.16
N TYR A 41 -2.44 -1.93 6.97
CA TYR A 41 -2.62 -3.31 6.58
C TYR A 41 -1.53 -4.15 7.20
N GLU A 42 -0.40 -3.50 7.55
CA GLU A 42 0.71 -4.10 8.26
C GLU A 42 0.32 -4.31 9.70
N LEU A 43 -0.39 -3.32 10.28
CA LEU A 43 -0.92 -3.36 11.62
C LEU A 43 -2.13 -4.27 11.71
N LEU A 44 -2.76 -4.61 10.56
CA LEU A 44 -3.91 -5.47 10.47
C LEU A 44 -3.44 -6.90 10.68
N GLY A 45 -2.80 -7.50 9.65
CA GLY A 45 -2.52 -8.92 9.67
C GLY A 45 -2.68 -9.49 8.29
N LYS A 46 -2.95 -8.63 7.28
CA LYS A 46 -3.11 -9.03 5.91
C LYS A 46 -1.75 -9.17 5.28
N ILE A 47 -0.90 -8.17 5.57
CA ILE A 47 0.50 -8.14 5.23
C ILE A 47 1.21 -7.95 6.54
N LYS A 48 2.55 -8.13 6.52
CA LYS A 48 3.40 -7.72 7.61
C LYS A 48 4.63 -7.17 6.98
N ARG A 49 5.47 -6.48 7.79
CA ARG A 49 6.78 -6.05 7.37
C ARG A 49 7.58 -6.07 8.64
N ILE A 50 8.85 -6.53 8.56
CA ILE A 50 9.69 -6.63 9.74
C ILE A 50 11.11 -6.53 9.28
N ASN A 51 11.43 -7.16 8.13
CA ASN A 51 12.78 -7.34 7.66
C ASN A 51 13.22 -6.10 6.91
N HIS A 52 13.21 -6.14 5.56
CA HIS A 52 13.59 -5.05 4.71
C HIS A 52 12.37 -4.70 3.91
N ILE A 53 11.58 -5.72 3.53
CA ILE A 53 10.49 -5.59 2.61
C ILE A 53 9.27 -6.20 3.24
N VAL A 54 8.11 -6.00 2.58
CA VAL A 54 6.82 -6.47 3.00
C VAL A 54 6.79 -7.95 2.68
N VAL A 55 6.15 -8.73 3.57
CA VAL A 55 5.88 -10.12 3.35
C VAL A 55 4.38 -10.20 3.33
N LEU A 56 3.84 -11.22 2.64
CA LEU A 56 2.43 -11.50 2.67
C LEU A 56 2.21 -12.37 3.88
N ALA A 57 0.94 -12.47 4.33
CA ALA A 57 0.55 -13.37 5.41
C ALA A 57 0.72 -14.80 5.00
N HIS A 58 0.30 -15.11 3.74
CA HIS A 58 0.50 -16.39 3.10
C HIS A 58 1.80 -16.32 2.33
N HIS A 59 2.05 -17.30 1.43
CA HIS A 59 3.23 -17.31 0.60
C HIS A 59 2.85 -16.63 -0.73
N MET A 1 8.50 1.62 -15.67
CA MET A 1 8.35 0.74 -14.48
C MET A 1 6.93 0.23 -14.41
N LEU A 2 5.96 1.15 -14.13
CA LEU A 2 4.58 0.80 -13.93
C LEU A 2 3.94 0.55 -15.27
N LYS A 3 3.14 -0.53 -15.35
CA LYS A 3 2.53 -1.00 -16.57
C LYS A 3 1.11 -0.53 -16.53
N ASP A 4 0.67 0.14 -17.63
CA ASP A 4 -0.65 0.69 -17.76
C ASP A 4 -1.47 -0.26 -18.59
N TYR A 5 -2.75 -0.40 -18.20
CA TYR A 5 -3.67 -1.36 -18.76
C TYR A 5 -4.57 -0.60 -19.70
N HIS A 6 -5.90 -0.80 -19.53
CA HIS A 6 -6.94 -0.12 -20.26
C HIS A 6 -7.10 1.27 -19.69
N LEU A 7 -6.78 1.41 -18.39
CA LEU A 7 -6.87 2.62 -17.61
C LEU A 7 -6.07 3.73 -18.23
N LYS A 8 -6.69 4.93 -18.32
CA LYS A 8 -6.16 6.07 -19.01
C LYS A 8 -5.61 7.01 -17.98
N GLU A 9 -6.48 7.46 -17.04
CA GLU A 9 -6.15 8.45 -16.05
C GLU A 9 -5.80 7.71 -14.80
N MET A 10 -4.95 8.34 -13.95
CA MET A 10 -4.59 7.81 -12.67
C MET A 10 -4.92 8.89 -11.68
N PRO A 11 -6.06 8.83 -11.00
CA PRO A 11 -6.38 9.73 -9.91
C PRO A 11 -5.60 9.32 -8.67
N GLU A 12 -6.13 8.37 -7.87
CA GLU A 12 -5.47 7.87 -6.69
C GLU A 12 -6.18 6.59 -6.42
N MET A 13 -5.45 5.46 -6.51
CA MET A 13 -5.96 4.15 -6.22
C MET A 13 -5.42 3.76 -4.88
N GLU A 14 -6.04 2.74 -4.25
CA GLU A 14 -5.76 2.37 -2.89
C GLU A 14 -6.00 0.91 -2.70
N ASP A 15 -6.77 0.29 -3.62
CA ASP A 15 -7.06 -1.12 -3.59
C ASP A 15 -5.95 -1.84 -4.33
N GLU A 16 -5.24 -1.10 -5.21
CA GLU A 16 -4.01 -1.50 -5.84
C GLU A 16 -2.99 -1.77 -4.77
N PHE A 17 -2.90 -0.87 -3.76
CA PHE A 17 -2.06 -1.00 -2.59
C PHE A 17 -2.42 -2.24 -1.81
N LEU A 18 -3.74 -2.53 -1.64
CA LEU A 18 -4.24 -3.62 -0.84
C LEU A 18 -3.96 -4.99 -1.39
N GLU A 19 -3.70 -5.11 -2.72
CA GLU A 19 -3.42 -6.39 -3.34
C GLU A 19 -1.94 -6.59 -3.42
N TYR A 20 -1.18 -5.48 -3.29
CA TYR A 20 0.25 -5.44 -3.34
C TYR A 20 0.80 -5.72 -1.98
N CYS A 21 -0.07 -5.57 -0.96
CA CYS A 21 0.29 -5.76 0.43
C CYS A 21 0.58 -7.22 0.69
N ALA A 22 0.07 -8.12 -0.19
CA ALA A 22 0.25 -9.55 -0.18
C ALA A 22 1.69 -9.95 -0.38
N LYS A 23 2.54 -9.00 -0.86
CA LYS A 23 3.98 -9.07 -0.79
C LYS A 23 4.33 -8.45 0.53
N ASN A 24 4.18 -9.29 1.58
CA ASN A 24 4.52 -8.98 2.95
C ASN A 24 6.01 -8.84 3.15
N PRO A 25 6.93 -9.71 2.67
CA PRO A 25 8.37 -9.50 2.83
C PRO A 25 8.81 -8.27 2.09
N SER A 26 9.59 -7.40 2.78
CA SER A 26 10.12 -6.18 2.25
C SER A 26 9.00 -5.27 1.85
N TYR A 27 8.32 -4.71 2.88
CA TYR A 27 7.16 -3.85 2.74
C TYR A 27 7.57 -2.48 2.31
N GLU A 28 8.88 -2.22 2.43
CA GLU A 28 9.60 -0.99 2.19
C GLU A 28 9.44 -0.59 0.75
N GLU A 29 9.50 -1.57 -0.17
CA GLU A 29 9.33 -1.38 -1.58
C GLU A 29 7.89 -1.05 -1.91
N ALA A 30 6.94 -1.56 -1.08
CA ALA A 30 5.52 -1.35 -1.27
C ALA A 30 5.05 -0.10 -0.57
N TYR A 31 5.91 0.53 0.26
CA TYR A 31 5.65 1.76 0.99
C TYR A 31 6.09 2.86 0.08
N LEU A 32 7.38 2.82 -0.33
CA LEU A 32 8.08 3.89 -0.97
C LEU A 32 7.63 4.14 -2.38
N LYS A 33 7.07 3.10 -3.04
CA LYS A 33 6.49 3.16 -4.37
C LYS A 33 5.25 4.03 -4.34
N PHE A 34 4.39 3.82 -3.32
CA PHE A 34 3.15 4.52 -3.11
C PHE A 34 3.47 5.82 -2.42
N GLY A 35 3.53 5.78 -1.08
CA GLY A 35 3.95 6.89 -0.28
C GLY A 35 3.40 6.63 1.06
N ASP A 36 2.71 7.63 1.65
CA ASP A 36 2.21 7.59 3.01
C ASP A 36 1.01 6.69 3.17
N LYS A 37 0.64 5.96 2.09
CA LYS A 37 -0.41 4.98 2.00
C LYS A 37 -0.18 3.82 2.95
N LEU A 38 1.09 3.36 3.06
CA LEU A 38 1.47 2.26 3.92
C LEU A 38 1.50 2.70 5.36
N LEU A 39 1.85 3.98 5.63
CA LEU A 39 1.94 4.51 6.96
C LEU A 39 0.59 4.62 7.62
N GLU A 40 -0.41 5.15 6.89
CA GLU A 40 -1.75 5.34 7.40
C GLU A 40 -2.49 4.05 7.59
N TYR A 41 -2.26 3.05 6.71
CA TYR A 41 -2.91 1.75 6.74
C TYR A 41 -2.32 0.90 7.83
N GLU A 42 -1.08 1.24 8.27
CA GLU A 42 -0.42 0.60 9.39
C GLU A 42 -1.02 1.07 10.69
N LEU A 43 -1.30 2.40 10.76
CA LEU A 43 -1.89 3.06 11.91
C LEU A 43 -3.36 2.73 12.02
N LEU A 44 -4.00 2.33 10.89
CA LEU A 44 -5.40 2.02 10.79
C LEU A 44 -5.62 0.62 11.31
N GLY A 45 -5.26 -0.41 10.51
CA GLY A 45 -5.37 -1.78 10.94
C GLY A 45 -5.83 -2.60 9.77
N LYS A 46 -5.25 -2.33 8.59
CA LYS A 46 -5.49 -3.09 7.39
C LYS A 46 -4.31 -4.01 7.19
N ILE A 47 -3.11 -3.52 7.59
CA ILE A 47 -1.89 -4.29 7.66
C ILE A 47 -1.49 -4.23 9.12
N LYS A 48 -0.28 -4.76 9.46
CA LYS A 48 0.43 -4.22 10.60
C LYS A 48 1.87 -4.69 10.63
N ARG A 49 2.81 -3.76 10.90
CA ARG A 49 4.20 -4.07 11.10
C ARG A 49 4.43 -4.06 12.58
N ILE A 50 5.12 -5.10 13.10
CA ILE A 50 5.48 -5.16 14.50
C ILE A 50 6.75 -5.94 14.62
N ASN A 51 6.86 -7.08 13.88
CA ASN A 51 7.95 -8.02 14.01
C ASN A 51 9.11 -7.51 13.21
N HIS A 52 9.15 -7.85 11.90
CA HIS A 52 10.22 -7.50 11.01
C HIS A 52 9.59 -6.88 9.80
N ILE A 53 8.46 -7.47 9.36
CA ILE A 53 7.77 -7.07 8.16
C ILE A 53 6.33 -6.87 8.53
N VAL A 54 5.52 -6.45 7.54
CA VAL A 54 4.10 -6.24 7.67
C VAL A 54 3.42 -7.58 7.62
N VAL A 55 2.15 -7.60 8.09
CA VAL A 55 1.26 -8.74 7.95
C VAL A 55 0.08 -8.15 7.26
N LEU A 56 -0.88 -9.00 6.84
CA LEU A 56 -2.20 -8.57 6.49
C LEU A 56 -2.99 -8.80 7.74
N ALA A 57 -3.85 -7.82 8.09
CA ALA A 57 -4.70 -7.91 9.25
C ALA A 57 -5.95 -8.61 8.81
N HIS A 58 -6.10 -9.87 9.26
CA HIS A 58 -7.19 -10.74 8.87
C HIS A 58 -8.31 -10.48 9.84
N HIS A 59 -7.98 -10.50 11.15
CA HIS A 59 -8.87 -10.10 12.21
C HIS A 59 -8.53 -8.63 12.52
N MET A 1 -6.91 15.47 -30.24
CA MET A 1 -6.20 15.50 -31.54
C MET A 1 -5.14 14.44 -31.55
N LEU A 2 -4.07 14.62 -30.73
CA LEU A 2 -2.97 13.68 -30.62
C LEU A 2 -3.37 12.61 -29.64
N LYS A 3 -2.63 11.47 -29.67
CA LYS A 3 -2.87 10.33 -28.83
C LYS A 3 -2.10 10.50 -27.56
N ASP A 4 -2.56 9.80 -26.49
CA ASP A 4 -1.91 9.80 -25.20
C ASP A 4 -1.50 8.38 -24.95
N TYR A 5 -0.56 8.18 -23.99
CA TYR A 5 -0.06 6.89 -23.59
C TYR A 5 -0.85 6.49 -22.38
N HIS A 6 -0.18 5.87 -21.38
CA HIS A 6 -0.79 5.46 -20.14
C HIS A 6 -0.71 6.60 -19.18
N LEU A 7 0.52 7.12 -18.96
CA LEU A 7 0.89 8.15 -18.02
C LEU A 7 0.43 7.82 -16.61
N LYS A 8 0.28 8.85 -15.73
CA LYS A 8 -0.34 8.67 -14.45
C LYS A 8 -1.60 9.48 -14.55
N GLU A 9 -2.74 8.77 -14.49
CA GLU A 9 -4.05 9.30 -14.77
C GLU A 9 -4.86 9.15 -13.54
N MET A 10 -4.53 8.14 -12.70
CA MET A 10 -5.24 7.85 -11.50
C MET A 10 -4.21 7.70 -10.41
N PRO A 11 -3.83 8.77 -9.70
CA PRO A 11 -2.89 8.72 -8.60
C PRO A 11 -3.59 8.37 -7.31
N GLU A 12 -4.93 8.18 -7.32
CA GLU A 12 -5.72 8.04 -6.12
C GLU A 12 -6.06 6.58 -5.91
N MET A 13 -5.06 5.68 -6.08
CA MET A 13 -5.24 4.26 -5.92
C MET A 13 -4.98 3.89 -4.48
N GLU A 14 -5.64 2.80 -4.02
CA GLU A 14 -5.55 2.37 -2.65
C GLU A 14 -5.86 0.91 -2.57
N ASP A 15 -6.58 0.38 -3.58
CA ASP A 15 -6.92 -1.02 -3.66
C ASP A 15 -5.81 -1.76 -4.36
N GLU A 16 -5.03 -1.03 -5.19
CA GLU A 16 -3.78 -1.48 -5.76
C GLU A 16 -2.83 -1.79 -4.65
N PHE A 17 -2.78 -0.91 -3.62
CA PHE A 17 -2.00 -1.08 -2.42
C PHE A 17 -2.43 -2.32 -1.67
N LEU A 18 -3.76 -2.58 -1.58
CA LEU A 18 -4.33 -3.69 -0.84
C LEU A 18 -4.02 -5.04 -1.41
N GLU A 19 -3.73 -5.14 -2.74
CA GLU A 19 -3.44 -6.42 -3.37
C GLU A 19 -1.96 -6.67 -3.32
N TYR A 20 -1.18 -5.58 -3.16
CA TYR A 20 0.26 -5.57 -3.12
C TYR A 20 0.71 -5.87 -1.74
N CYS A 21 -0.22 -5.71 -0.77
CA CYS A 21 0.07 -5.92 0.63
C CYS A 21 0.33 -7.39 0.90
N ALA A 22 -0.22 -8.26 0.02
CA ALA A 22 -0.10 -9.70 0.02
C ALA A 22 1.32 -10.15 -0.23
N LYS A 23 2.16 -9.24 -0.78
CA LYS A 23 3.60 -9.37 -0.82
C LYS A 23 4.07 -8.70 0.44
N ASN A 24 3.98 -9.47 1.55
CA ASN A 24 4.42 -9.13 2.87
C ASN A 24 5.94 -8.94 2.93
N PRO A 25 6.84 -9.80 2.44
CA PRO A 25 8.28 -9.55 2.45
C PRO A 25 8.62 -8.34 1.64
N SER A 26 9.59 -7.53 2.14
CA SER A 26 10.03 -6.30 1.54
C SER A 26 8.88 -5.34 1.55
N TYR A 27 8.43 -4.98 2.77
CA TYR A 27 7.32 -4.11 3.05
C TYR A 27 7.67 -2.69 2.71
N GLU A 28 8.98 -2.42 2.75
CA GLU A 28 9.66 -1.20 2.46
C GLU A 28 9.41 -0.78 1.04
N GLU A 29 9.29 -1.75 0.10
CA GLU A 29 9.00 -1.46 -1.28
C GLU A 29 7.57 -1.03 -1.46
N ALA A 30 6.63 -1.58 -0.66
CA ALA A 30 5.22 -1.23 -0.74
C ALA A 30 4.95 0.11 -0.08
N TYR A 31 5.84 0.57 0.82
CA TYR A 31 5.75 1.87 1.44
C TYR A 31 6.27 2.88 0.46
N LEU A 32 7.53 2.72 0.02
CA LEU A 32 8.29 3.71 -0.69
C LEU A 32 7.80 3.95 -2.11
N LYS A 33 7.20 2.92 -2.74
CA LYS A 33 6.65 2.97 -4.08
C LYS A 33 5.42 3.86 -4.08
N PHE A 34 4.53 3.65 -3.09
CA PHE A 34 3.28 4.34 -2.93
C PHE A 34 3.59 5.64 -2.23
N GLY A 35 3.59 5.62 -0.89
CA GLY A 35 4.05 6.71 -0.08
C GLY A 35 3.51 6.43 1.27
N ASP A 36 2.90 7.45 1.91
CA ASP A 36 2.35 7.41 3.25
C ASP A 36 1.11 6.54 3.37
N LYS A 37 0.74 5.86 2.27
CA LYS A 37 -0.31 4.88 2.11
C LYS A 37 -0.14 3.72 3.06
N LEU A 38 1.11 3.24 3.23
CA LEU A 38 1.46 2.13 4.09
C LEU A 38 1.43 2.57 5.53
N LEU A 39 1.81 3.84 5.82
CA LEU A 39 1.86 4.37 7.16
C LEU A 39 0.49 4.50 7.76
N GLU A 40 -0.48 5.03 6.99
CA GLU A 40 -1.83 5.27 7.44
C GLU A 40 -2.62 4.00 7.59
N TYR A 41 -2.39 2.99 6.72
CA TYR A 41 -3.11 1.74 6.70
C TYR A 41 -2.63 0.85 7.81
N GLU A 42 -1.39 1.11 8.28
CA GLU A 42 -0.77 0.43 9.39
C GLU A 42 -1.37 0.90 10.68
N LEU A 43 -1.60 2.22 10.78
CA LEU A 43 -2.22 2.89 11.90
C LEU A 43 -3.71 2.64 11.91
N LEU A 44 -4.30 2.26 10.76
CA LEU A 44 -5.72 2.05 10.57
C LEU A 44 -6.10 0.71 11.14
N GLY A 45 -5.74 -0.40 10.46
CA GLY A 45 -6.03 -1.71 11.00
C GLY A 45 -6.22 -2.71 9.90
N LYS A 46 -6.00 -2.30 8.62
CA LYS A 46 -6.12 -3.16 7.47
C LYS A 46 -4.91 -4.05 7.40
N ILE A 47 -3.73 -3.42 7.48
CA ILE A 47 -2.45 -4.06 7.64
C ILE A 47 -1.98 -3.66 9.02
N LYS A 48 -0.93 -4.34 9.51
CA LYS A 48 -0.19 -3.89 10.67
C LYS A 48 1.25 -4.13 10.33
N ARG A 49 2.15 -3.80 11.29
CA ARG A 49 3.56 -4.07 11.17
C ARG A 49 4.03 -4.07 12.60
N ILE A 50 4.96 -4.98 12.95
CA ILE A 50 5.46 -5.05 14.31
C ILE A 50 6.86 -5.58 14.25
N ASN A 51 7.12 -6.61 13.41
CA ASN A 51 8.36 -7.34 13.37
C ASN A 51 9.33 -6.57 12.50
N HIS A 52 9.34 -6.90 11.19
CA HIS A 52 10.22 -6.29 10.23
C HIS A 52 9.36 -5.85 9.10
N ILE A 53 8.38 -6.70 8.72
CA ILE A 53 7.58 -6.55 7.54
C ILE A 53 6.16 -6.38 7.98
N VAL A 54 5.26 -6.03 7.01
CA VAL A 54 3.85 -5.91 7.29
C VAL A 54 3.28 -7.29 7.47
N VAL A 55 2.15 -7.38 8.20
CA VAL A 55 1.32 -8.54 8.25
C VAL A 55 0.02 -8.07 7.70
N LEU A 56 -0.80 -9.01 7.18
CA LEU A 56 -2.16 -8.73 6.79
C LEU A 56 -2.98 -9.02 8.02
N ALA A 57 -4.13 -8.32 8.14
CA ALA A 57 -5.17 -8.71 9.05
C ALA A 57 -5.93 -9.80 8.34
N HIS A 58 -6.24 -10.89 9.07
CA HIS A 58 -6.74 -12.12 8.49
C HIS A 58 -8.17 -11.93 8.07
N HIS A 59 -9.06 -11.65 9.04
CA HIS A 59 -10.44 -11.33 8.79
C HIS A 59 -10.54 -9.80 8.73
N MET A 1 -1.96 21.18 -13.79
CA MET A 1 -2.37 22.52 -14.25
C MET A 1 -1.41 23.08 -15.26
N LEU A 2 -1.72 24.30 -15.78
CA LEU A 2 -0.99 25.01 -16.80
C LEU A 2 -1.19 24.33 -18.13
N LYS A 3 -0.25 23.45 -18.54
CA LYS A 3 -0.35 22.72 -19.77
C LYS A 3 0.20 21.36 -19.47
N ASP A 4 -0.63 20.32 -19.70
CA ASP A 4 -0.26 18.93 -19.50
C ASP A 4 -0.42 18.27 -20.84
N TYR A 5 0.01 16.99 -20.93
CA TYR A 5 0.02 16.25 -22.17
C TYR A 5 -1.17 15.32 -22.16
N HIS A 6 -1.00 14.09 -22.69
CA HIS A 6 -2.01 13.08 -22.77
C HIS A 6 -1.91 12.17 -21.57
N LEU A 7 -1.05 12.52 -20.58
CA LEU A 7 -0.74 11.66 -19.46
C LEU A 7 -1.91 11.65 -18.52
N LYS A 8 -2.52 10.44 -18.35
CA LYS A 8 -3.67 10.27 -17.52
C LYS A 8 -3.53 8.88 -16.97
N GLU A 9 -2.94 8.78 -15.76
CA GLU A 9 -2.82 7.56 -15.01
C GLU A 9 -3.79 7.68 -13.87
N MET A 10 -3.75 6.71 -12.92
CA MET A 10 -4.59 6.71 -11.75
C MET A 10 -3.66 6.70 -10.56
N PRO A 11 -3.20 7.84 -10.03
CA PRO A 11 -2.32 7.87 -8.88
C PRO A 11 -3.12 7.78 -7.60
N GLU A 12 -4.48 7.79 -7.69
CA GLU A 12 -5.36 7.79 -6.55
C GLU A 12 -5.90 6.39 -6.41
N MET A 13 -4.98 5.42 -6.23
CA MET A 13 -5.27 4.02 -6.06
C MET A 13 -5.06 3.69 -4.61
N GLU A 14 -5.63 2.56 -4.14
CA GLU A 14 -5.57 2.21 -2.74
C GLU A 14 -5.85 0.77 -2.56
N ASP A 15 -6.60 0.15 -3.50
CA ASP A 15 -6.93 -1.25 -3.45
C ASP A 15 -5.83 -2.04 -4.14
N GLU A 16 -5.10 -1.36 -5.05
CA GLU A 16 -3.90 -1.89 -5.63
C GLU A 16 -2.84 -2.03 -4.58
N PHE A 17 -2.80 -1.11 -3.59
CA PHE A 17 -1.95 -1.21 -2.42
C PHE A 17 -2.32 -2.43 -1.61
N LEU A 18 -3.63 -2.70 -1.43
CA LEU A 18 -4.15 -3.78 -0.61
C LEU A 18 -3.86 -5.15 -1.16
N GLU A 19 -3.63 -5.28 -2.49
CA GLU A 19 -3.38 -6.57 -3.11
C GLU A 19 -1.89 -6.79 -3.18
N TYR A 20 -1.12 -5.69 -3.13
CA TYR A 20 0.31 -5.67 -3.25
C TYR A 20 0.92 -5.95 -1.93
N CYS A 21 0.13 -5.76 -0.85
CA CYS A 21 0.58 -5.95 0.50
C CYS A 21 0.75 -7.42 0.82
N ALA A 22 0.20 -8.30 -0.07
CA ALA A 22 0.32 -9.73 -0.02
C ALA A 22 1.72 -10.19 -0.36
N LYS A 23 2.56 -9.25 -0.87
CA LYS A 23 3.99 -9.36 -0.93
C LYS A 23 4.45 -8.77 0.38
N ASN A 24 4.38 -9.62 1.42
CA ASN A 24 4.80 -9.35 2.77
C ASN A 24 6.29 -9.11 2.86
N PRO A 25 7.24 -9.89 2.31
CA PRO A 25 8.66 -9.58 2.35
C PRO A 25 8.94 -8.30 1.62
N SER A 26 9.83 -7.46 2.19
CA SER A 26 10.20 -6.17 1.65
C SER A 26 8.98 -5.29 1.63
N TYR A 27 8.51 -4.96 2.86
CA TYR A 27 7.34 -4.15 3.11
C TYR A 27 7.65 -2.71 2.83
N GLU A 28 8.95 -2.40 2.92
CA GLU A 28 9.58 -1.14 2.69
C GLU A 28 9.44 -0.75 1.23
N GLU A 29 9.34 -1.73 0.31
CA GLU A 29 9.15 -1.48 -1.09
C GLU A 29 7.70 -1.17 -1.38
N ALA A 30 6.76 -1.72 -0.58
CA ALA A 30 5.33 -1.45 -0.72
C ALA A 30 4.99 -0.11 -0.11
N TYR A 31 5.85 0.41 0.80
CA TYR A 31 5.71 1.71 1.41
C TYR A 31 6.20 2.74 0.42
N LEU A 32 7.48 2.64 0.03
CA LEU A 32 8.21 3.68 -0.65
C LEU A 32 7.78 3.89 -2.08
N LYS A 33 7.20 2.84 -2.71
CA LYS A 33 6.66 2.89 -4.05
C LYS A 33 5.44 3.77 -4.08
N PHE A 34 4.55 3.61 -3.07
CA PHE A 34 3.31 4.33 -2.93
C PHE A 34 3.64 5.63 -2.26
N GLY A 35 3.66 5.64 -0.91
CA GLY A 35 4.09 6.76 -0.14
C GLY A 35 3.48 6.59 1.20
N ASP A 36 2.70 7.59 1.65
CA ASP A 36 2.13 7.66 2.97
C ASP A 36 0.97 6.71 3.14
N LYS A 37 0.66 5.92 2.08
CA LYS A 37 -0.38 4.93 2.02
C LYS A 37 -0.15 3.81 3.02
N LEU A 38 1.11 3.33 3.16
CA LEU A 38 1.45 2.27 4.08
C LEU A 38 1.48 2.78 5.48
N LEU A 39 1.86 4.06 5.69
CA LEU A 39 1.94 4.67 7.00
C LEU A 39 0.59 4.75 7.66
N GLU A 40 -0.43 5.24 6.93
CA GLU A 40 -1.77 5.45 7.43
C GLU A 40 -2.52 4.17 7.64
N TYR A 41 -2.31 3.15 6.76
CA TYR A 41 -3.02 1.90 6.79
C TYR A 41 -2.47 1.03 7.88
N GLU A 42 -1.21 1.31 8.31
CA GLU A 42 -0.54 0.60 9.37
C GLU A 42 -1.03 1.10 10.70
N LEU A 43 -1.20 2.43 10.81
CA LEU A 43 -1.70 3.11 11.97
C LEU A 43 -3.19 2.92 12.13
N LEU A 44 -3.88 2.53 11.03
CA LEU A 44 -5.31 2.30 10.98
C LEU A 44 -5.57 0.92 11.51
N GLY A 45 -5.33 -0.14 10.71
CA GLY A 45 -5.45 -1.49 11.19
C GLY A 45 -5.93 -2.38 10.09
N LYS A 46 -5.57 -2.06 8.83
CA LYS A 46 -5.89 -2.85 7.67
C LYS A 46 -4.71 -3.77 7.44
N ILE A 47 -3.50 -3.22 7.65
CA ILE A 47 -2.25 -3.90 7.71
C ILE A 47 -1.69 -3.54 9.06
N LYS A 48 -0.63 -4.25 9.50
CA LYS A 48 0.11 -3.89 10.68
C LYS A 48 1.54 -4.22 10.39
N ARG A 49 2.48 -3.73 11.21
CA ARG A 49 3.87 -4.10 11.13
C ARG A 49 4.36 -4.02 12.54
N ILE A 50 5.23 -4.98 12.95
CA ILE A 50 5.74 -5.00 14.29
C ILE A 50 7.09 -5.66 14.26
N ASN A 51 7.23 -6.74 13.44
CA ASN A 51 8.38 -7.61 13.46
C ASN A 51 9.44 -7.01 12.59
N HIS A 52 9.57 -7.53 11.34
CA HIS A 52 10.55 -7.09 10.39
C HIS A 52 9.79 -6.54 9.22
N ILE A 53 8.66 -7.20 8.88
CA ILE A 53 7.92 -6.96 7.68
C ILE A 53 6.49 -6.77 8.07
N VAL A 54 5.65 -6.37 7.07
CA VAL A 54 4.25 -6.12 7.22
C VAL A 54 3.56 -7.45 7.34
N VAL A 55 2.55 -7.50 8.23
CA VAL A 55 1.66 -8.63 8.36
C VAL A 55 0.35 -8.10 7.88
N LEU A 56 -0.46 -8.97 7.23
CA LEU A 56 -1.80 -8.62 6.82
C LEU A 56 -2.66 -8.85 8.02
N ALA A 57 -3.81 -8.14 8.11
CA ALA A 57 -4.78 -8.34 9.14
C ALA A 57 -5.60 -9.56 8.78
N HIS A 58 -5.31 -10.68 9.47
CA HIS A 58 -5.91 -11.97 9.21
C HIS A 58 -7.13 -12.07 10.08
N HIS A 59 -6.95 -11.87 11.40
CA HIS A 59 -8.02 -11.85 12.36
C HIS A 59 -8.67 -10.46 12.31
N MET A 1 1.03 15.01 -15.33
CA MET A 1 1.99 15.85 -14.56
C MET A 1 3.38 15.53 -15.00
N LEU A 2 3.90 14.34 -14.59
CA LEU A 2 5.25 13.91 -14.85
C LEU A 2 5.27 13.18 -16.16
N LYS A 3 6.39 12.48 -16.46
CA LYS A 3 6.54 11.69 -17.67
C LYS A 3 5.89 10.36 -17.43
N ASP A 4 6.52 9.52 -16.58
CA ASP A 4 6.17 8.15 -16.28
C ASP A 4 6.50 7.29 -17.48
N TYR A 5 6.11 6.01 -17.46
CA TYR A 5 6.44 5.08 -18.51
C TYR A 5 5.14 4.40 -18.87
N HIS A 6 5.17 3.06 -18.96
CA HIS A 6 4.02 2.21 -19.17
C HIS A 6 3.29 2.01 -17.87
N LEU A 7 3.89 2.46 -16.75
CA LEU A 7 3.34 2.34 -15.43
C LEU A 7 2.16 3.26 -15.32
N LYS A 8 1.06 2.75 -14.72
CA LYS A 8 -0.18 3.48 -14.58
C LYS A 8 -0.02 4.38 -13.39
N GLU A 9 -0.53 5.63 -13.50
CA GLU A 9 -0.40 6.63 -12.48
C GLU A 9 -1.50 6.41 -11.49
N MET A 10 -1.37 7.02 -10.29
CA MET A 10 -2.33 6.87 -9.24
C MET A 10 -2.90 8.23 -8.92
N PRO A 11 -3.97 8.67 -9.57
CA PRO A 11 -4.65 9.90 -9.22
C PRO A 11 -5.47 9.67 -7.97
N GLU A 12 -6.09 8.47 -7.83
CA GLU A 12 -6.76 8.06 -6.63
C GLU A 12 -6.91 6.57 -6.80
N MET A 13 -6.03 5.80 -6.13
CA MET A 13 -6.11 4.35 -6.05
C MET A 13 -5.64 4.01 -4.67
N GLU A 14 -6.08 2.86 -4.12
CA GLU A 14 -5.79 2.51 -2.75
C GLU A 14 -6.03 1.06 -2.52
N ASP A 15 -6.85 0.41 -3.37
CA ASP A 15 -7.13 -1.00 -3.27
C ASP A 15 -6.04 -1.76 -4.00
N GLU A 16 -5.33 -1.04 -4.90
CA GLU A 16 -4.09 -1.45 -5.52
C GLU A 16 -3.07 -1.76 -4.45
N PHE A 17 -2.96 -0.86 -3.43
CA PHE A 17 -2.11 -1.03 -2.28
C PHE A 17 -2.47 -2.26 -1.49
N LEU A 18 -3.77 -2.55 -1.33
CA LEU A 18 -4.29 -3.64 -0.52
C LEU A 18 -4.04 -5.00 -1.13
N GLU A 19 -3.83 -5.09 -2.45
CA GLU A 19 -3.58 -6.35 -3.14
C GLU A 19 -2.10 -6.60 -3.21
N TYR A 20 -1.31 -5.51 -3.17
CA TYR A 20 0.13 -5.50 -3.28
C TYR A 20 0.72 -5.90 -1.97
N CYS A 21 -0.03 -5.66 -0.88
CA CYS A 21 0.43 -5.89 0.46
C CYS A 21 0.47 -7.36 0.80
N ALA A 22 -0.06 -8.22 -0.11
CA ALA A 22 0.01 -9.65 -0.06
C ALA A 22 1.41 -10.15 -0.32
N LYS A 23 2.30 -9.25 -0.82
CA LYS A 23 3.72 -9.42 -0.86
C LYS A 23 4.21 -8.81 0.42
N ASN A 24 4.14 -9.65 1.48
CA ASN A 24 4.60 -9.37 2.82
C ASN A 24 6.11 -9.16 2.87
N PRO A 25 7.02 -10.01 2.34
CA PRO A 25 8.45 -9.73 2.36
C PRO A 25 8.77 -8.51 1.56
N SER A 26 9.75 -7.70 2.03
CA SER A 26 10.16 -6.46 1.42
C SER A 26 8.99 -5.52 1.41
N TYR A 27 8.53 -5.18 2.64
CA TYR A 27 7.39 -4.34 2.90
C TYR A 27 7.71 -2.90 2.60
N GLU A 28 9.03 -2.62 2.65
CA GLU A 28 9.71 -1.39 2.38
C GLU A 28 9.46 -0.97 0.96
N GLU A 29 9.38 -1.92 0.01
CA GLU A 29 9.11 -1.60 -1.38
C GLU A 29 7.65 -1.28 -1.58
N ALA A 30 6.74 -1.88 -0.78
CA ALA A 30 5.32 -1.62 -0.86
C ALA A 30 4.95 -0.36 -0.11
N TYR A 31 5.87 0.18 0.73
CA TYR A 31 5.70 1.40 1.46
C TYR A 31 6.17 2.51 0.55
N LEU A 32 7.47 2.47 0.17
CA LEU A 32 8.19 3.55 -0.44
C LEU A 32 7.76 3.85 -1.85
N LYS A 33 7.22 2.84 -2.57
CA LYS A 33 6.66 2.97 -3.90
C LYS A 33 5.44 3.86 -3.86
N PHE A 34 4.56 3.63 -2.85
CA PHE A 34 3.34 4.37 -2.63
C PHE A 34 3.70 5.64 -1.92
N GLY A 35 3.79 5.57 -0.58
CA GLY A 35 4.27 6.65 0.23
C GLY A 35 3.67 6.44 1.56
N ASP A 36 2.91 7.44 2.04
CA ASP A 36 2.33 7.47 3.38
C ASP A 36 1.15 6.55 3.51
N LYS A 37 0.83 5.77 2.44
CA LYS A 37 -0.26 4.83 2.36
C LYS A 37 -0.06 3.68 3.30
N LEU A 38 1.21 3.18 3.44
CA LEU A 38 1.52 2.07 4.31
C LEU A 38 1.56 2.54 5.74
N LEU A 39 1.89 3.82 5.98
CA LEU A 39 1.97 4.39 7.31
C LEU A 39 0.61 4.54 7.93
N GLU A 40 -0.37 5.07 7.16
CA GLU A 40 -1.71 5.36 7.63
C GLU A 40 -2.52 4.11 7.82
N TYR A 41 -2.31 3.08 6.97
CA TYR A 41 -3.06 1.84 6.97
C TYR A 41 -2.55 0.93 8.07
N GLU A 42 -1.30 1.20 8.52
CA GLU A 42 -0.68 0.49 9.62
C GLU A 42 -1.24 1.00 10.92
N LEU A 43 -1.41 2.34 11.02
CA LEU A 43 -1.96 3.03 12.16
C LEU A 43 -3.46 2.83 12.24
N LEU A 44 -4.09 2.46 11.11
CA LEU A 44 -5.51 2.22 10.99
C LEU A 44 -5.81 0.84 11.52
N GLY A 45 -5.55 -0.21 10.73
CA GLY A 45 -5.73 -1.58 11.19
C GLY A 45 -6.18 -2.44 10.04
N LYS A 46 -5.80 -2.06 8.80
CA LYS A 46 -6.05 -2.85 7.62
C LYS A 46 -4.92 -3.82 7.47
N ILE A 47 -3.69 -3.30 7.67
CA ILE A 47 -2.45 -4.02 7.71
C ILE A 47 -1.91 -3.77 9.10
N LYS A 48 -0.82 -4.47 9.46
CA LYS A 48 -0.08 -4.18 10.67
C LYS A 48 1.36 -4.39 10.31
N ARG A 49 2.27 -3.88 11.16
CA ARG A 49 3.69 -4.08 11.02
C ARG A 49 4.21 -3.85 12.40
N ILE A 50 5.14 -4.72 12.85
CA ILE A 50 5.65 -4.65 14.19
C ILE A 50 7.01 -5.29 14.20
N ASN A 51 7.18 -6.39 13.43
CA ASN A 51 8.36 -7.22 13.47
C ASN A 51 9.39 -6.61 12.55
N HIS A 52 9.45 -7.11 11.30
CA HIS A 52 10.38 -6.64 10.30
C HIS A 52 9.55 -6.18 9.14
N ILE A 53 8.49 -6.95 8.80
CA ILE A 53 7.74 -6.78 7.58
C ILE A 53 6.30 -6.58 7.95
N VAL A 54 5.49 -6.24 6.92
CA VAL A 54 4.07 -5.98 7.03
C VAL A 54 3.39 -7.32 7.04
N VAL A 55 2.21 -7.40 7.69
CA VAL A 55 1.34 -8.53 7.65
C VAL A 55 0.01 -7.97 7.24
N LEU A 56 -0.88 -8.81 6.67
CA LEU A 56 -2.24 -8.45 6.41
C LEU A 56 -2.99 -8.80 7.66
N ALA A 57 -4.08 -8.05 7.95
CA ALA A 57 -4.94 -8.35 9.08
C ALA A 57 -5.95 -9.36 8.59
N HIS A 58 -5.70 -10.65 8.94
CA HIS A 58 -6.54 -11.76 8.59
C HIS A 58 -7.55 -11.88 9.69
N HIS A 59 -7.04 -12.11 10.92
CA HIS A 59 -7.82 -12.11 12.13
C HIS A 59 -7.70 -10.70 12.72
N MET A 1 3.93 22.74 -3.74
CA MET A 1 3.46 22.75 -2.33
C MET A 1 2.54 23.92 -2.16
N LEU A 2 1.26 23.74 -2.56
CA LEU A 2 0.23 24.75 -2.48
C LEU A 2 -0.74 24.28 -1.45
N LYS A 3 -1.62 25.21 -1.02
CA LYS A 3 -2.68 24.96 -0.07
C LYS A 3 -3.89 24.65 -0.90
N ASP A 4 -4.53 23.49 -0.61
CA ASP A 4 -5.68 22.99 -1.33
C ASP A 4 -6.84 23.05 -0.37
N TYR A 5 -8.01 22.58 -0.83
CA TYR A 5 -9.25 22.65 -0.10
C TYR A 5 -9.66 21.24 0.19
N HIS A 6 -10.97 20.93 -0.02
CA HIS A 6 -11.56 19.63 0.15
C HIS A 6 -11.20 18.76 -1.01
N LEU A 7 -10.99 19.42 -2.18
CA LEU A 7 -10.66 18.82 -3.46
C LEU A 7 -9.38 18.04 -3.35
N LYS A 8 -9.44 16.76 -3.76
CA LYS A 8 -8.33 15.84 -3.74
C LYS A 8 -7.83 15.82 -5.15
N GLU A 9 -6.50 16.01 -5.32
CA GLU A 9 -5.86 16.23 -6.59
C GLU A 9 -4.96 15.07 -6.84
N MET A 10 -4.71 14.28 -5.79
CA MET A 10 -3.82 13.18 -5.80
C MET A 10 -4.58 12.05 -5.14
N PRO A 11 -5.40 11.30 -5.87
CA PRO A 11 -6.12 10.15 -5.36
C PRO A 11 -5.16 9.04 -5.06
N GLU A 12 -4.74 8.24 -6.08
CA GLU A 12 -3.76 7.18 -6.01
C GLU A 12 -4.40 6.03 -5.31
N MET A 13 -4.77 5.00 -6.10
CA MET A 13 -5.77 4.04 -5.72
C MET A 13 -5.27 3.10 -4.65
N GLU A 14 -6.22 2.66 -3.81
CA GLU A 14 -5.99 2.18 -2.48
C GLU A 14 -6.17 0.71 -2.39
N ASP A 15 -6.93 0.14 -3.36
CA ASP A 15 -7.18 -1.27 -3.44
C ASP A 15 -6.05 -1.93 -4.19
N GLU A 16 -5.29 -1.12 -4.96
CA GLU A 16 -4.04 -1.48 -5.60
C GLU A 16 -2.99 -1.68 -4.52
N PHE A 17 -3.04 -0.84 -3.45
CA PHE A 17 -2.19 -0.97 -2.29
C PHE A 17 -2.55 -2.21 -1.51
N LEU A 18 -3.85 -2.57 -1.42
CA LEU A 18 -4.33 -3.68 -0.63
C LEU A 18 -3.95 -5.01 -1.22
N GLU A 19 -3.84 -5.10 -2.56
CA GLU A 19 -3.48 -6.32 -3.26
C GLU A 19 -1.99 -6.38 -3.47
N TYR A 20 -1.27 -5.28 -3.20
CA TYR A 20 0.18 -5.22 -3.25
C TYR A 20 0.72 -5.95 -2.09
N CYS A 21 0.08 -5.69 -0.91
CA CYS A 21 0.67 -5.90 0.37
C CYS A 21 0.79 -7.36 0.73
N ALA A 22 0.18 -8.24 -0.12
CA ALA A 22 0.27 -9.68 -0.09
C ALA A 22 1.68 -10.16 -0.36
N LYS A 23 2.54 -9.26 -0.91
CA LYS A 23 3.97 -9.35 -0.94
C LYS A 23 4.40 -8.74 0.37
N ASN A 24 4.33 -9.58 1.42
CA ASN A 24 4.73 -9.27 2.77
C ASN A 24 6.22 -9.07 2.88
N PRO A 25 7.16 -9.92 2.39
CA PRO A 25 8.58 -9.64 2.41
C PRO A 25 8.88 -8.44 1.56
N SER A 26 9.84 -7.60 2.00
CA SER A 26 10.21 -6.36 1.36
C SER A 26 9.01 -5.45 1.34
N TYR A 27 8.59 -5.07 2.56
CA TYR A 27 7.45 -4.23 2.85
C TYR A 27 7.76 -2.81 2.52
N GLU A 28 9.08 -2.53 2.49
CA GLU A 28 9.72 -1.30 2.16
C GLU A 28 9.46 -0.96 0.71
N GLU A 29 9.27 -1.98 -0.16
CA GLU A 29 8.99 -1.79 -1.57
C GLU A 29 7.50 -1.65 -1.81
N ALA A 30 6.67 -1.83 -0.76
CA ALA A 30 5.24 -1.61 -0.82
C ALA A 30 4.91 -0.33 -0.10
N TYR A 31 5.88 0.22 0.67
CA TYR A 31 5.75 1.44 1.42
C TYR A 31 6.25 2.53 0.53
N LEU A 32 7.55 2.52 0.20
CA LEU A 32 8.29 3.61 -0.39
C LEU A 32 7.86 3.86 -1.82
N LYS A 33 7.35 2.82 -2.50
CA LYS A 33 6.80 2.87 -3.83
C LYS A 33 5.58 3.78 -3.87
N PHE A 34 4.67 3.58 -2.88
CA PHE A 34 3.46 4.34 -2.71
C PHE A 34 3.83 5.63 -2.02
N GLY A 35 3.90 5.58 -0.67
CA GLY A 35 4.42 6.66 0.12
C GLY A 35 3.85 6.44 1.47
N ASP A 36 3.15 7.45 2.00
CA ASP A 36 2.61 7.47 3.34
C ASP A 36 1.39 6.59 3.47
N LYS A 37 1.05 5.83 2.41
CA LYS A 37 -0.07 4.94 2.31
C LYS A 37 0.08 3.76 3.23
N LEU A 38 1.32 3.24 3.39
CA LEU A 38 1.61 2.10 4.26
C LEU A 38 1.67 2.57 5.68
N LEU A 39 1.97 3.87 5.93
CA LEU A 39 2.03 4.40 7.28
C LEU A 39 0.65 4.55 7.87
N GLU A 40 -0.31 5.10 7.09
CA GLU A 40 -1.66 5.37 7.55
C GLU A 40 -2.47 4.12 7.70
N TYR A 41 -2.25 3.09 6.84
CA TYR A 41 -3.00 1.86 6.84
C TYR A 41 -2.51 0.97 7.94
N GLU A 42 -1.26 1.21 8.42
CA GLU A 42 -0.67 0.54 9.56
C GLU A 42 -1.32 1.03 10.82
N LEU A 43 -1.49 2.37 10.93
CA LEU A 43 -2.07 3.06 12.04
C LEU A 43 -3.57 2.83 12.09
N LEU A 44 -4.18 2.45 10.94
CA LEU A 44 -5.59 2.21 10.78
C LEU A 44 -5.90 0.83 11.30
N GLY A 45 -5.62 -0.23 10.50
CA GLY A 45 -5.84 -1.59 10.93
C GLY A 45 -6.21 -2.41 9.73
N LYS A 46 -5.62 -2.08 8.57
CA LYS A 46 -5.79 -2.81 7.33
C LYS A 46 -4.68 -3.81 7.27
N ILE A 47 -3.46 -3.32 7.57
CA ILE A 47 -2.24 -4.06 7.67
C ILE A 47 -1.76 -3.85 9.08
N LYS A 48 -0.60 -4.44 9.44
CA LYS A 48 0.16 -4.03 10.59
C LYS A 48 1.60 -4.24 10.23
N ARG A 49 2.53 -3.68 11.05
CA ARG A 49 3.93 -3.98 10.96
C ARG A 49 4.41 -3.89 12.38
N ILE A 50 5.28 -4.84 12.81
CA ILE A 50 5.75 -4.86 14.18
C ILE A 50 7.07 -5.58 14.21
N ASN A 51 7.19 -6.71 13.45
CA ASN A 51 8.32 -7.59 13.52
C ASN A 51 9.44 -7.00 12.70
N HIS A 52 9.35 -7.12 11.36
CA HIS A 52 10.34 -6.64 10.45
C HIS A 52 9.57 -6.12 9.29
N ILE A 53 8.61 -6.94 8.80
CA ILE A 53 7.92 -6.73 7.56
C ILE A 53 6.47 -6.56 7.91
N VAL A 54 5.67 -6.17 6.88
CA VAL A 54 4.26 -5.93 7.00
C VAL A 54 3.58 -7.27 7.04
N VAL A 55 2.44 -7.35 7.75
CA VAL A 55 1.58 -8.49 7.77
C VAL A 55 0.26 -7.94 7.34
N LEU A 56 -0.62 -8.81 6.80
CA LEU A 56 -1.99 -8.45 6.51
C LEU A 56 -2.73 -8.72 7.81
N ALA A 57 -3.81 -7.95 8.06
CA ALA A 57 -4.61 -8.11 9.26
C ALA A 57 -5.75 -9.06 8.97
N HIS A 58 -5.42 -10.24 8.41
CA HIS A 58 -6.32 -11.33 8.19
C HIS A 58 -6.31 -12.15 9.46
N HIS A 59 -7.51 -12.51 9.93
CA HIS A 59 -7.71 -13.18 11.19
C HIS A 59 -7.83 -14.68 10.91
N MET A 1 -18.25 -4.89 -13.76
CA MET A 1 -17.94 -6.34 -13.78
C MET A 1 -16.49 -6.56 -14.07
N LEU A 2 -16.09 -6.19 -15.31
CA LEU A 2 -14.79 -6.49 -15.87
C LEU A 2 -13.87 -5.35 -15.53
N LYS A 3 -13.30 -4.66 -16.56
CA LYS A 3 -12.45 -3.52 -16.39
C LYS A 3 -13.36 -2.32 -16.49
N ASP A 4 -13.24 -1.37 -15.54
CA ASP A 4 -14.08 -0.19 -15.50
C ASP A 4 -13.48 0.83 -16.40
N TYR A 5 -14.30 1.36 -17.33
CA TYR A 5 -13.87 2.20 -18.42
C TYR A 5 -13.97 3.64 -17.97
N HIS A 6 -14.65 4.46 -18.78
CA HIS A 6 -14.92 5.86 -18.52
C HIS A 6 -15.98 5.97 -17.46
N LEU A 7 -16.87 4.95 -17.44
CA LEU A 7 -18.00 4.73 -16.55
C LEU A 7 -17.72 5.11 -15.12
N LYS A 8 -16.89 4.31 -14.43
CA LYS A 8 -16.42 4.58 -13.09
C LYS A 8 -14.97 4.91 -13.26
N GLU A 9 -14.58 6.11 -12.77
CA GLU A 9 -13.23 6.61 -12.85
C GLU A 9 -12.61 6.38 -11.50
N MET A 10 -11.26 6.38 -11.46
CA MET A 10 -10.51 6.16 -10.23
C MET A 10 -9.54 7.29 -10.08
N PRO A 11 -9.91 8.39 -9.41
CA PRO A 11 -9.01 9.48 -9.11
C PRO A 11 -8.19 9.19 -7.88
N GLU A 12 -8.26 7.95 -7.33
CA GLU A 12 -7.53 7.55 -6.16
C GLU A 12 -7.58 6.06 -6.21
N MET A 13 -6.39 5.43 -6.29
CA MET A 13 -6.23 4.01 -6.29
C MET A 13 -5.66 3.66 -4.94
N GLU A 14 -6.12 2.52 -4.36
CA GLU A 14 -5.82 2.19 -2.99
C GLU A 14 -5.99 0.73 -2.77
N ASP A 15 -6.74 0.06 -3.68
CA ASP A 15 -6.93 -1.37 -3.64
C ASP A 15 -5.77 -2.04 -4.33
N GLU A 16 -5.06 -1.25 -5.17
CA GLU A 16 -3.81 -1.60 -5.79
C GLU A 16 -2.76 -1.81 -4.71
N PHE A 17 -2.81 -0.96 -3.65
CA PHE A 17 -1.98 -1.08 -2.47
C PHE A 17 -2.31 -2.33 -1.71
N LEU A 18 -3.61 -2.66 -1.57
CA LEU A 18 -4.09 -3.77 -0.78
C LEU A 18 -3.75 -5.13 -1.36
N GLU A 19 -3.48 -5.20 -2.68
CA GLU A 19 -3.17 -6.45 -3.34
C GLU A 19 -1.68 -6.62 -3.44
N TYR A 20 -0.95 -5.50 -3.29
CA TYR A 20 0.50 -5.44 -3.31
C TYR A 20 1.03 -5.80 -1.97
N CYS A 21 0.17 -5.64 -0.95
CA CYS A 21 0.55 -5.86 0.43
C CYS A 21 0.75 -7.33 0.71
N ALA A 22 0.30 -8.21 -0.23
CA ALA A 22 0.47 -9.64 -0.24
C ALA A 22 1.91 -10.03 -0.42
N LYS A 23 2.76 -9.07 -0.88
CA LYS A 23 4.20 -9.16 -0.84
C LYS A 23 4.58 -8.53 0.47
N ASN A 24 4.46 -9.35 1.53
CA ASN A 24 4.85 -9.05 2.88
C ASN A 24 6.36 -8.96 3.07
N PRO A 25 7.26 -9.80 2.52
CA PRO A 25 8.69 -9.79 2.79
C PRO A 25 9.41 -8.52 2.48
N SER A 26 8.80 -7.66 1.66
CA SER A 26 9.36 -6.41 1.23
C SER A 26 8.19 -5.48 1.32
N TYR A 27 7.91 -5.05 2.58
CA TYR A 27 6.88 -4.09 2.90
C TYR A 27 7.37 -2.70 2.61
N GLU A 28 8.72 -2.59 2.62
CA GLU A 28 9.54 -1.44 2.33
C GLU A 28 9.22 -0.89 0.98
N GLU A 29 9.08 -1.77 -0.04
CA GLU A 29 8.79 -1.37 -1.40
C GLU A 29 7.37 -0.91 -1.55
N ALA A 30 6.43 -1.43 -0.73
CA ALA A 30 5.03 -1.05 -0.78
C ALA A 30 4.80 0.28 -0.10
N TYR A 31 5.70 0.70 0.82
CA TYR A 31 5.64 1.99 1.45
C TYR A 31 6.20 3.00 0.49
N LEU A 32 7.44 2.77 0.03
CA LEU A 32 8.24 3.75 -0.67
C LEU A 32 7.77 4.02 -2.07
N LYS A 33 7.12 3.03 -2.72
CA LYS A 33 6.54 3.16 -4.05
C LYS A 33 5.34 4.06 -3.99
N PHE A 34 4.40 3.77 -3.05
CA PHE A 34 3.14 4.46 -2.89
C PHE A 34 3.41 5.75 -2.17
N GLY A 35 3.48 5.70 -0.83
CA GLY A 35 3.90 6.80 -0.03
C GLY A 35 3.35 6.51 1.31
N ASP A 36 2.72 7.53 1.93
CA ASP A 36 2.20 7.49 3.29
C ASP A 36 0.95 6.65 3.40
N LYS A 37 0.56 5.96 2.30
CA LYS A 37 -0.48 4.97 2.18
C LYS A 37 -0.27 3.82 3.15
N LEU A 38 0.99 3.33 3.26
CA LEU A 38 1.34 2.24 4.14
C LEU A 38 1.34 2.69 5.57
N LEU A 39 1.72 3.95 5.85
CA LEU A 39 1.80 4.48 7.20
C LEU A 39 0.43 4.56 7.85
N GLU A 40 -0.57 5.08 7.12
CA GLU A 40 -1.92 5.27 7.62
C GLU A 40 -2.67 3.98 7.75
N TYR A 41 -2.45 3.00 6.84
CA TYR A 41 -3.15 1.73 6.81
C TYR A 41 -2.62 0.84 7.90
N GLU A 42 -1.37 1.13 8.36
CA GLU A 42 -0.69 0.43 9.43
C GLU A 42 -1.29 0.85 10.74
N LEU A 43 -1.47 2.17 10.91
CA LEU A 43 -2.04 2.80 12.08
C LEU A 43 -3.53 2.56 12.17
N LEU A 44 -4.16 2.20 11.02
CA LEU A 44 -5.58 1.96 10.90
C LEU A 44 -5.88 0.58 11.42
N GLY A 45 -5.56 -0.49 10.66
CA GLY A 45 -5.75 -1.84 11.13
C GLY A 45 -6.17 -2.72 10.00
N LYS A 46 -5.78 -2.36 8.76
CA LYS A 46 -6.01 -3.14 7.57
C LYS A 46 -4.78 -3.99 7.36
N ILE A 47 -3.62 -3.39 7.68
CA ILE A 47 -2.34 -4.01 7.77
C ILE A 47 -1.82 -3.58 9.12
N LYS A 48 -0.70 -4.19 9.59
CA LYS A 48 0.00 -3.73 10.77
C LYS A 48 1.44 -4.04 10.51
N ARG A 49 2.36 -3.45 11.30
CA ARG A 49 3.77 -3.74 11.22
C ARG A 49 4.26 -3.60 12.61
N ILE A 50 5.12 -4.54 13.06
CA ILE A 50 5.66 -4.50 14.40
C ILE A 50 6.98 -5.23 14.38
N ASN A 51 7.07 -6.32 13.58
CA ASN A 51 8.16 -7.26 13.62
C ASN A 51 9.28 -6.73 12.77
N HIS A 52 9.43 -7.27 11.54
CA HIS A 52 10.43 -6.88 10.59
C HIS A 52 9.69 -6.33 9.40
N ILE A 53 8.53 -6.94 9.08
CA ILE A 53 7.80 -6.71 7.87
C ILE A 53 6.37 -6.48 8.27
N VAL A 54 5.54 -6.11 7.28
CA VAL A 54 4.13 -5.88 7.43
C VAL A 54 3.45 -7.23 7.51
N VAL A 55 2.31 -7.28 8.24
CA VAL A 55 1.46 -8.43 8.30
C VAL A 55 0.15 -7.92 7.78
N LEU A 56 -0.62 -8.80 7.11
CA LEU A 56 -1.95 -8.48 6.67
C LEU A 56 -2.86 -8.82 7.81
N ALA A 57 -3.91 -8.00 8.00
CA ALA A 57 -4.97 -8.28 8.93
C ALA A 57 -6.12 -8.62 8.06
N HIS A 58 -6.36 -9.94 7.87
CA HIS A 58 -7.44 -10.45 7.09
C HIS A 58 -8.59 -10.65 8.03
N HIS A 59 -9.77 -10.12 7.64
CA HIS A 59 -10.95 -10.12 8.47
C HIS A 59 -11.97 -11.04 7.77
N MET A 1 -5.71 24.50 -17.32
CA MET A 1 -5.84 23.02 -17.33
C MET A 1 -4.85 22.43 -18.29
N LEU A 2 -4.36 21.22 -17.99
CA LEU A 2 -3.43 20.50 -18.83
C LEU A 2 -4.23 19.80 -19.90
N LYS A 3 -3.54 19.44 -21.01
CA LYS A 3 -4.16 18.78 -22.14
C LYS A 3 -4.18 17.32 -21.82
N ASP A 4 -5.39 16.71 -21.88
CA ASP A 4 -5.59 15.32 -21.54
C ASP A 4 -5.44 14.57 -22.83
N TYR A 5 -4.55 13.55 -22.82
CA TYR A 5 -4.17 12.80 -24.00
C TYR A 5 -4.99 11.54 -24.01
N HIS A 6 -4.34 10.40 -24.33
CA HIS A 6 -4.91 9.08 -24.30
C HIS A 6 -4.70 8.46 -22.94
N LEU A 7 -4.14 9.25 -21.99
CA LEU A 7 -3.80 8.79 -20.67
C LEU A 7 -5.06 8.66 -19.86
N LYS A 8 -4.98 7.86 -18.77
CA LYS A 8 -6.11 7.60 -17.90
C LYS A 8 -6.23 8.73 -16.91
N GLU A 9 -7.27 8.67 -16.06
CA GLU A 9 -7.46 9.61 -14.98
C GLU A 9 -6.76 9.03 -13.79
N MET A 10 -6.27 9.91 -12.89
CA MET A 10 -5.64 9.51 -11.67
C MET A 10 -6.44 10.09 -10.53
N PRO A 11 -7.50 9.44 -10.05
CA PRO A 11 -8.27 9.91 -8.91
C PRO A 11 -7.52 9.58 -7.64
N GLU A 12 -7.76 8.40 -7.02
CA GLU A 12 -7.14 7.98 -5.79
C GLU A 12 -7.07 6.49 -5.93
N MET A 13 -5.85 5.96 -6.19
CA MET A 13 -5.61 4.54 -6.28
C MET A 13 -5.12 4.10 -4.93
N GLU A 14 -5.60 2.92 -4.48
CA GLU A 14 -5.42 2.51 -3.10
C GLU A 14 -5.73 1.05 -2.97
N ASP A 15 -6.50 0.52 -3.93
CA ASP A 15 -6.92 -0.87 -3.97
C ASP A 15 -5.77 -1.69 -4.54
N GLU A 16 -4.94 -1.02 -5.37
CA GLU A 16 -3.68 -1.51 -5.88
C GLU A 16 -2.77 -1.81 -4.72
N PHE A 17 -2.70 -0.90 -3.72
CA PHE A 17 -1.95 -1.08 -2.50
C PHE A 17 -2.43 -2.28 -1.74
N LEU A 18 -3.78 -2.47 -1.64
CA LEU A 18 -4.40 -3.53 -0.87
C LEU A 18 -4.08 -4.92 -1.37
N GLU A 19 -3.79 -5.08 -2.69
CA GLU A 19 -3.57 -6.38 -3.28
C GLU A 19 -2.09 -6.65 -3.36
N TYR A 20 -1.28 -5.59 -3.18
CA TYR A 20 0.15 -5.61 -3.18
C TYR A 20 0.63 -5.94 -1.82
N CYS A 21 -0.28 -5.77 -0.83
CA CYS A 21 0.02 -5.99 0.57
C CYS A 21 0.28 -7.45 0.84
N ALA A 22 -0.26 -8.33 -0.05
CA ALA A 22 -0.14 -9.76 -0.06
C ALA A 22 1.29 -10.21 -0.28
N LYS A 23 2.14 -9.30 -0.81
CA LYS A 23 3.57 -9.42 -0.83
C LYS A 23 4.02 -8.76 0.44
N ASN A 24 3.94 -9.55 1.53
CA ASN A 24 4.39 -9.21 2.86
C ASN A 24 5.90 -9.03 2.92
N PRO A 25 6.80 -9.90 2.43
CA PRO A 25 8.24 -9.67 2.45
C PRO A 25 8.59 -8.47 1.62
N SER A 26 9.57 -7.66 2.09
CA SER A 26 10.00 -6.44 1.47
C SER A 26 8.84 -5.48 1.45
N TYR A 27 8.42 -5.07 2.67
CA TYR A 27 7.30 -4.21 2.94
C TYR A 27 7.64 -2.78 2.59
N GLU A 28 8.96 -2.53 2.56
CA GLU A 28 9.65 -1.32 2.25
C GLU A 28 9.43 -0.96 0.80
N GLU A 29 9.26 -1.97 -0.07
CA GLU A 29 9.01 -1.76 -1.48
C GLU A 29 7.54 -1.49 -1.75
N ALA A 30 6.70 -1.48 -0.70
CA ALA A 30 5.29 -1.16 -0.77
C ALA A 30 5.06 0.15 -0.07
N TYR A 31 5.95 0.56 0.86
CA TYR A 31 5.84 1.82 1.56
C TYR A 31 6.43 2.86 0.66
N LEU A 32 7.69 2.66 0.25
CA LEU A 32 8.50 3.66 -0.41
C LEU A 32 8.07 3.90 -1.83
N LYS A 33 7.45 2.88 -2.47
CA LYS A 33 6.90 2.98 -3.81
C LYS A 33 5.70 3.90 -3.80
N PHE A 34 4.73 3.62 -2.89
CA PHE A 34 3.48 4.34 -2.79
C PHE A 34 3.76 5.62 -2.05
N GLY A 35 3.75 5.56 -0.71
CA GLY A 35 4.16 6.65 0.14
C GLY A 35 3.56 6.35 1.45
N ASP A 36 2.91 7.37 2.06
CA ASP A 36 2.35 7.33 3.39
C ASP A 36 1.12 6.45 3.48
N LYS A 37 0.76 5.78 2.37
CA LYS A 37 -0.29 4.81 2.20
C LYS A 37 -0.12 3.63 3.13
N LEU A 38 1.13 3.14 3.29
CA LEU A 38 1.45 2.01 4.15
C LEU A 38 1.39 2.42 5.60
N LEU A 39 1.72 3.69 5.92
CA LEU A 39 1.72 4.20 7.28
C LEU A 39 0.34 4.27 7.86
N GLU A 40 -0.62 4.85 7.09
CA GLU A 40 -1.98 5.05 7.52
C GLU A 40 -2.75 3.77 7.60
N TYR A 41 -2.47 2.78 6.72
CA TYR A 41 -3.18 1.52 6.63
C TYR A 41 -2.74 0.61 7.74
N GLU A 42 -1.52 0.87 8.28
CA GLU A 42 -0.93 0.16 9.39
C GLU A 42 -1.64 0.59 10.66
N LEU A 43 -1.83 1.91 10.80
CA LEU A 43 -2.50 2.54 11.92
C LEU A 43 -4.00 2.32 11.88
N LEU A 44 -4.54 1.96 10.69
CA LEU A 44 -5.94 1.75 10.44
C LEU A 44 -6.31 0.37 10.95
N GLY A 45 -5.96 -0.71 10.21
CA GLY A 45 -6.26 -2.04 10.65
C GLY A 45 -6.51 -2.93 9.48
N LYS A 46 -6.00 -2.55 8.28
CA LYS A 46 -6.07 -3.35 7.09
C LYS A 46 -4.88 -4.26 7.10
N ILE A 47 -3.69 -3.64 7.28
CA ILE A 47 -2.43 -4.28 7.47
C ILE A 47 -2.02 -3.93 8.88
N LYS A 48 -0.94 -4.57 9.36
CA LYS A 48 -0.25 -4.14 10.56
C LYS A 48 1.21 -4.31 10.25
N ARG A 49 2.08 -3.96 11.21
CA ARG A 49 3.51 -4.14 11.11
C ARG A 49 3.98 -4.10 12.52
N ILE A 50 4.96 -4.96 12.88
CA ILE A 50 5.47 -5.00 14.22
C ILE A 50 6.93 -5.38 14.15
N ASN A 51 7.25 -6.41 13.32
CA ASN A 51 8.55 -7.03 13.30
C ASN A 51 9.42 -6.26 12.34
N HIS A 52 9.52 -6.74 11.09
CA HIS A 52 10.30 -6.13 10.05
C HIS A 52 9.34 -5.75 8.96
N ILE A 53 8.39 -6.66 8.65
CA ILE A 53 7.56 -6.58 7.47
C ILE A 53 6.14 -6.42 7.92
N VAL A 54 5.23 -6.12 6.95
CA VAL A 54 3.82 -6.02 7.23
C VAL A 54 3.27 -7.41 7.39
N VAL A 55 2.07 -7.50 8.00
CA VAL A 55 1.27 -8.70 8.01
C VAL A 55 -0.05 -8.25 7.47
N LEU A 56 -0.87 -9.21 7.00
CA LEU A 56 -2.25 -8.95 6.66
C LEU A 56 -3.02 -9.26 7.91
N ALA A 57 -4.10 -8.48 8.15
CA ALA A 57 -5.01 -8.70 9.25
C ALA A 57 -6.17 -9.51 8.78
N HIS A 58 -6.21 -9.83 7.45
CA HIS A 58 -7.28 -10.55 6.81
C HIS A 58 -7.06 -12.02 7.03
N HIS A 59 -6.04 -12.59 6.35
CA HIS A 59 -5.63 -13.97 6.54
C HIS A 59 -4.56 -13.96 7.64
N MET A 1 -2.78 21.60 -17.94
CA MET A 1 -3.70 22.70 -17.62
C MET A 1 -3.81 22.83 -16.14
N LEU A 2 -4.48 21.84 -15.49
CA LEU A 2 -4.70 21.81 -14.07
C LEU A 2 -3.68 20.85 -13.49
N LYS A 3 -4.13 19.78 -12.80
CA LYS A 3 -3.26 18.77 -12.24
C LYS A 3 -3.31 17.63 -13.21
N ASP A 4 -2.21 17.43 -13.94
CA ASP A 4 -2.05 16.34 -14.86
C ASP A 4 -0.57 16.26 -15.10
N TYR A 5 0.02 15.07 -14.90
CA TYR A 5 1.44 14.87 -15.03
C TYR A 5 1.60 13.70 -15.96
N HIS A 6 2.52 12.77 -15.62
CA HIS A 6 2.79 11.56 -16.35
C HIS A 6 1.71 10.54 -16.07
N LEU A 7 1.14 10.64 -14.84
CA LEU A 7 0.12 9.80 -14.24
C LEU A 7 -0.95 9.37 -15.22
N LYS A 8 -0.99 8.04 -15.49
CA LYS A 8 -1.78 7.51 -16.56
C LYS A 8 -2.07 6.09 -16.17
N GLU A 9 -1.00 5.29 -15.97
CA GLU A 9 -1.04 3.90 -15.65
C GLU A 9 -0.42 3.82 -14.31
N MET A 10 -0.99 2.93 -13.46
CA MET A 10 -0.81 2.81 -12.04
C MET A 10 -0.40 4.07 -11.28
N PRO A 11 -1.29 5.04 -11.12
CA PRO A 11 -0.99 6.29 -10.43
C PRO A 11 -1.03 6.07 -8.93
N GLU A 12 -2.06 6.60 -8.22
CA GLU A 12 -2.15 6.51 -6.79
C GLU A 12 -3.48 5.88 -6.51
N MET A 13 -3.54 4.53 -6.55
CA MET A 13 -4.71 3.76 -6.25
C MET A 13 -4.49 3.12 -4.92
N GLU A 14 -5.60 2.74 -4.24
CA GLU A 14 -5.59 2.33 -2.86
C GLU A 14 -5.90 0.87 -2.73
N ASP A 15 -6.62 0.31 -3.73
CA ASP A 15 -6.96 -1.10 -3.76
C ASP A 15 -5.82 -1.85 -4.41
N GLU A 16 -5.03 -1.13 -5.24
CA GLU A 16 -3.78 -1.57 -5.79
C GLU A 16 -2.81 -1.83 -4.67
N PHE A 17 -2.79 -0.93 -3.66
CA PHE A 17 -2.00 -1.08 -2.45
C PHE A 17 -2.44 -2.32 -1.69
N LEU A 18 -3.77 -2.57 -1.59
CA LEU A 18 -4.35 -3.65 -0.84
C LEU A 18 -4.08 -5.02 -1.42
N GLU A 19 -3.73 -5.11 -2.73
CA GLU A 19 -3.46 -6.38 -3.37
C GLU A 19 -1.97 -6.62 -3.37
N TYR A 20 -1.19 -5.55 -3.16
CA TYR A 20 0.25 -5.55 -3.13
C TYR A 20 0.70 -5.90 -1.75
N CYS A 21 -0.22 -5.76 -0.77
CA CYS A 21 0.08 -5.99 0.62
C CYS A 21 0.30 -7.46 0.87
N ALA A 22 -0.26 -8.32 -0.03
CA ALA A 22 -0.16 -9.76 -0.02
C ALA A 22 1.25 -10.23 -0.33
N LYS A 23 2.10 -9.31 -0.85
CA LYS A 23 3.53 -9.46 -0.90
C LYS A 23 4.01 -8.85 0.38
N ASN A 24 3.96 -9.68 1.44
CA ASN A 24 4.42 -9.39 2.77
C ASN A 24 5.93 -9.19 2.81
N PRO A 25 6.83 -10.04 2.27
CA PRO A 25 8.27 -9.78 2.27
C PRO A 25 8.60 -8.54 1.51
N SER A 26 9.57 -7.75 2.03
CA SER A 26 10.01 -6.49 1.46
C SER A 26 8.84 -5.54 1.44
N TYR A 27 8.40 -5.18 2.66
CA TYR A 27 7.28 -4.31 2.93
C TYR A 27 7.63 -2.88 2.60
N GLU A 28 8.95 -2.62 2.63
CA GLU A 28 9.64 -1.40 2.42
C GLU A 28 9.48 -0.98 0.98
N GLU A 29 9.42 -1.96 0.05
CA GLU A 29 9.23 -1.69 -1.36
C GLU A 29 7.78 -1.35 -1.64
N ALA A 30 6.84 -1.83 -0.79
CA ALA A 30 5.43 -1.54 -0.92
C ALA A 30 5.06 -0.28 -0.19
N TYR A 31 5.94 0.25 0.68
CA TYR A 31 5.76 1.48 1.41
C TYR A 31 6.25 2.58 0.52
N LEU A 32 7.55 2.52 0.16
CA LEU A 32 8.30 3.60 -0.43
C LEU A 32 7.89 3.91 -1.84
N LYS A 33 7.33 2.90 -2.56
CA LYS A 33 6.78 3.03 -3.90
C LYS A 33 5.55 3.92 -3.88
N PHE A 34 4.66 3.70 -2.89
CA PHE A 34 3.42 4.42 -2.72
C PHE A 34 3.75 5.68 -1.99
N GLY A 35 3.80 5.61 -0.64
CA GLY A 35 4.26 6.68 0.18
C GLY A 35 3.63 6.45 1.51
N ASP A 36 2.86 7.46 2.00
CA ASP A 36 2.30 7.47 3.32
C ASP A 36 1.11 6.55 3.43
N LYS A 37 0.80 5.79 2.34
CA LYS A 37 -0.27 4.82 2.22
C LYS A 37 -0.07 3.66 3.17
N LEU A 38 1.18 3.16 3.32
CA LEU A 38 1.50 2.05 4.18
C LEU A 38 1.51 2.48 5.62
N LEU A 39 1.83 3.78 5.88
CA LEU A 39 1.87 4.33 7.21
C LEU A 39 0.49 4.44 7.81
N GLU A 40 -0.48 4.97 7.04
CA GLU A 40 -1.84 5.18 7.51
C GLU A 40 -2.60 3.90 7.67
N TYR A 41 -2.35 2.89 6.81
CA TYR A 41 -3.07 1.64 6.78
C TYR A 41 -2.58 0.74 7.88
N GLU A 42 -1.33 0.99 8.34
CA GLU A 42 -0.70 0.30 9.45
C GLU A 42 -1.31 0.78 10.74
N LEU A 43 -1.50 2.12 10.86
CA LEU A 43 -2.08 2.78 12.00
C LEU A 43 -3.58 2.57 12.05
N LEU A 44 -4.20 2.21 10.92
CA LEU A 44 -5.62 2.01 10.76
C LEU A 44 -5.97 0.65 11.30
N GLY A 45 -5.65 -0.43 10.56
CA GLY A 45 -5.88 -1.77 11.04
C GLY A 45 -6.25 -2.66 9.90
N LYS A 46 -5.81 -2.31 8.68
CA LYS A 46 -6.00 -3.11 7.49
C LYS A 46 -4.83 -4.06 7.43
N ILE A 47 -3.62 -3.48 7.52
CA ILE A 47 -2.36 -4.16 7.64
C ILE A 47 -1.86 -3.80 9.01
N LYS A 48 -0.79 -4.50 9.45
CA LYS A 48 -0.03 -4.10 10.61
C LYS A 48 1.40 -4.37 10.27
N ARG A 49 2.32 -4.03 11.19
CA ARG A 49 3.73 -4.34 11.06
C ARG A 49 4.25 -4.28 12.47
N ILE A 50 5.23 -5.14 12.80
CA ILE A 50 5.80 -5.16 14.13
C ILE A 50 7.25 -5.54 14.01
N ASN A 51 7.57 -6.57 13.19
CA ASN A 51 8.89 -7.15 13.12
C ASN A 51 9.67 -6.35 12.12
N HIS A 52 9.78 -6.87 10.87
CA HIS A 52 10.38 -6.17 9.77
C HIS A 52 9.25 -5.87 8.83
N ILE A 53 8.43 -6.88 8.51
CA ILE A 53 7.56 -6.85 7.35
C ILE A 53 6.16 -6.66 7.83
N VAL A 54 5.24 -6.38 6.88
CA VAL A 54 3.83 -6.23 7.20
C VAL A 54 3.25 -7.61 7.38
N VAL A 55 2.10 -7.67 8.08
CA VAL A 55 1.24 -8.81 8.13
C VAL A 55 -0.07 -8.29 7.62
N LEU A 56 -0.93 -9.21 7.12
CA LEU A 56 -2.30 -8.88 6.79
C LEU A 56 -3.08 -9.20 8.03
N ALA A 57 -4.14 -8.41 8.29
CA ALA A 57 -5.05 -8.64 9.39
C ALA A 57 -6.04 -9.71 8.98
N HIS A 58 -6.44 -9.69 7.70
CA HIS A 58 -7.41 -10.61 7.14
C HIS A 58 -6.68 -11.85 6.68
N HIS A 59 -7.45 -12.94 6.46
CA HIS A 59 -6.91 -14.20 6.00
C HIS A 59 -7.96 -14.89 5.12
N MET A 1 -1.88 -4.10 -23.69
CA MET A 1 -1.42 -5.49 -23.96
C MET A 1 -2.45 -6.51 -23.57
N LEU A 2 -3.03 -6.37 -22.34
CA LEU A 2 -4.01 -7.28 -21.80
C LEU A 2 -5.36 -6.62 -21.96
N LYS A 3 -6.40 -7.45 -22.24
CA LYS A 3 -7.76 -7.00 -22.39
C LYS A 3 -8.43 -7.16 -21.05
N ASP A 4 -8.96 -6.05 -20.50
CA ASP A 4 -9.65 -6.03 -19.22
C ASP A 4 -11.11 -6.19 -19.51
N TYR A 5 -11.80 -6.93 -18.61
CA TYR A 5 -13.16 -7.39 -18.81
C TYR A 5 -14.07 -6.46 -18.06
N HIS A 6 -14.93 -7.03 -17.20
CA HIS A 6 -15.79 -6.35 -16.26
C HIS A 6 -14.95 -5.86 -15.11
N LEU A 7 -13.82 -6.56 -14.89
CA LEU A 7 -12.79 -6.28 -13.90
C LEU A 7 -12.18 -4.92 -14.14
N LYS A 8 -11.57 -4.36 -13.07
CA LYS A 8 -10.97 -3.05 -13.09
C LYS A 8 -9.63 -3.16 -13.77
N GLU A 9 -9.16 -2.02 -14.36
CA GLU A 9 -7.90 -1.95 -15.06
C GLU A 9 -6.83 -1.70 -14.05
N MET A 10 -5.55 -1.77 -14.48
CA MET A 10 -4.42 -1.59 -13.61
C MET A 10 -3.66 -0.39 -14.12
N PRO A 11 -3.93 0.84 -13.66
CA PRO A 11 -3.20 2.03 -14.08
C PRO A 11 -1.92 2.15 -13.30
N GLU A 12 -1.73 1.31 -12.26
CA GLU A 12 -0.59 1.30 -11.40
C GLU A 12 -0.94 0.08 -10.61
N MET A 13 0.00 -0.89 -10.56
CA MET A 13 -0.28 -2.19 -10.02
C MET A 13 -0.19 -2.17 -8.52
N GLU A 14 -0.80 -3.20 -7.89
CA GLU A 14 -1.15 -3.23 -6.50
C GLU A 14 -0.25 -4.17 -5.78
N ASP A 15 0.38 -5.10 -6.52
CA ASP A 15 1.29 -6.06 -5.95
C ASP A 15 2.64 -5.40 -5.79
N GLU A 16 2.89 -4.37 -6.63
CA GLU A 16 4.00 -3.45 -6.51
C GLU A 16 3.91 -2.75 -5.20
N PHE A 17 2.70 -2.27 -4.81
CA PHE A 17 2.45 -1.64 -3.52
C PHE A 17 2.69 -2.63 -2.40
N LEU A 18 2.21 -3.89 -2.55
CA LEU A 18 2.24 -4.91 -1.53
C LEU A 18 3.63 -5.40 -1.18
N GLU A 19 4.62 -5.22 -2.09
CA GLU A 19 5.98 -5.68 -1.84
C GLU A 19 6.83 -4.53 -1.38
N TYR A 20 6.34 -3.29 -1.63
CA TYR A 20 6.98 -2.05 -1.26
C TYR A 20 6.67 -1.73 0.15
N CYS A 21 5.57 -2.34 0.67
CA CYS A 21 5.07 -2.08 1.99
C CYS A 21 6.00 -2.66 3.04
N ALA A 22 6.87 -3.61 2.61
CA ALA A 22 7.87 -4.26 3.41
C ALA A 22 8.97 -3.30 3.82
N LYS A 23 9.02 -2.10 3.17
CA LYS A 23 9.75 -0.96 3.61
C LYS A 23 8.77 -0.21 4.47
N ASN A 24 8.70 -0.65 5.74
CA ASN A 24 7.90 -0.09 6.79
C ASN A 24 8.33 1.31 7.16
N PRO A 25 9.60 1.69 7.41
CA PRO A 25 9.98 3.07 7.67
C PRO A 25 9.71 3.94 6.48
N SER A 26 9.24 5.19 6.73
CA SER A 26 8.88 6.14 5.73
C SER A 26 7.74 5.59 4.90
N TYR A 27 6.61 5.36 5.61
CA TYR A 27 5.38 4.82 5.09
C TYR A 27 4.69 5.84 4.24
N GLU A 28 5.02 7.11 4.53
CA GLU A 28 4.57 8.31 3.90
C GLU A 28 4.98 8.33 2.46
N GLU A 29 6.15 7.76 2.11
CA GLU A 29 6.61 7.70 0.74
C GLU A 29 5.85 6.65 -0.04
N ALA A 30 5.40 5.56 0.63
CA ALA A 30 4.63 4.51 -0.01
C ALA A 30 3.19 4.93 -0.17
N TYR A 31 2.72 5.93 0.59
CA TYR A 31 1.40 6.50 0.47
C TYR A 31 1.42 7.45 -0.69
N LEU A 32 2.27 8.49 -0.60
CA LEU A 32 2.24 9.66 -1.44
C LEU A 32 2.68 9.39 -2.87
N LYS A 33 3.50 8.35 -3.08
CA LYS A 33 3.96 7.92 -4.39
C LYS A 33 2.81 7.32 -5.15
N PHE A 34 2.08 6.40 -4.50
CA PHE A 34 1.00 5.63 -5.08
C PHE A 34 -0.24 6.49 -5.08
N GLY A 35 -0.93 6.55 -3.94
CA GLY A 35 -1.85 7.60 -3.63
C GLY A 35 -2.70 7.04 -2.57
N ASP A 36 -4.04 7.00 -2.79
CA ASP A 36 -5.02 6.56 -1.83
C ASP A 36 -5.01 5.06 -1.64
N LYS A 37 -4.06 4.36 -2.32
CA LYS A 37 -3.76 2.96 -2.24
C LYS A 37 -3.43 2.52 -0.83
N LEU A 38 -2.63 3.33 -0.10
CA LEU A 38 -2.21 3.05 1.26
C LEU A 38 -3.34 3.31 2.21
N LEU A 39 -4.20 4.33 1.95
CA LEU A 39 -5.30 4.68 2.81
C LEU A 39 -6.35 3.60 2.86
N GLU A 40 -6.74 3.07 1.68
CA GLU A 40 -7.77 2.07 1.56
C GLU A 40 -7.33 0.72 2.03
N TYR A 41 -6.02 0.37 1.87
CA TYR A 41 -5.47 -0.91 2.26
C TYR A 41 -5.30 -0.97 3.74
N GLU A 42 -5.21 0.22 4.39
CA GLU A 42 -5.12 0.36 5.84
C GLU A 42 -6.46 0.01 6.43
N LEU A 43 -7.52 0.63 5.87
CA LEU A 43 -8.91 0.48 6.26
C LEU A 43 -9.45 -0.89 5.91
N LEU A 44 -8.81 -1.58 4.94
CA LEU A 44 -9.20 -2.87 4.44
C LEU A 44 -8.68 -3.93 5.37
N GLY A 45 -7.35 -4.15 5.39
CA GLY A 45 -6.69 -4.84 6.47
C GLY A 45 -5.61 -5.70 5.89
N LYS A 46 -4.96 -5.21 4.80
CA LYS A 46 -3.82 -5.85 4.18
C LYS A 46 -2.59 -5.40 4.91
N ILE A 47 -2.52 -4.06 5.10
CA ILE A 47 -1.56 -3.40 5.95
C ILE A 47 -2.36 -2.88 7.11
N LYS A 48 -1.66 -2.26 8.10
CA LYS A 48 -2.29 -1.49 9.13
C LYS A 48 -1.35 -0.36 9.42
N ARG A 49 -1.83 0.67 10.14
CA ARG A 49 -1.01 1.77 10.59
C ARG A 49 -1.69 2.22 11.84
N ILE A 50 -0.91 2.44 12.92
CA ILE A 50 -1.46 2.83 14.20
C ILE A 50 -0.38 3.51 14.98
N ASN A 51 0.88 3.03 14.85
CA ASN A 51 2.00 3.44 15.66
C ASN A 51 2.48 4.79 15.17
N HIS A 52 3.35 4.79 14.14
CA HIS A 52 3.95 5.98 13.61
C HIS A 52 4.08 5.74 12.13
N ILE A 53 4.35 4.47 11.76
CA ILE A 53 4.61 4.04 10.42
C ILE A 53 3.69 2.88 10.19
N VAL A 54 3.71 2.34 8.96
CA VAL A 54 2.90 1.23 8.52
C VAL A 54 3.53 -0.03 9.06
N VAL A 55 2.68 -1.03 9.36
CA VAL A 55 3.10 -2.36 9.72
C VAL A 55 2.40 -3.24 8.74
N LEU A 56 2.94 -4.45 8.50
CA LEU A 56 2.28 -5.44 7.68
C LEU A 56 1.40 -6.22 8.61
N ALA A 57 0.27 -6.75 8.09
CA ALA A 57 -0.63 -7.59 8.85
C ALA A 57 -0.05 -8.98 8.78
N HIS A 58 -0.09 -9.58 7.56
CA HIS A 58 0.62 -10.78 7.23
C HIS A 58 1.76 -10.29 6.37
N HIS A 59 1.53 -10.22 5.04
CA HIS A 59 2.43 -9.56 4.12
C HIS A 59 1.52 -9.07 2.98
#